data_1S7G
#
_entry.id   1S7G
#
_cell.length_a   104.850
_cell.length_b   181.574
_cell.length_c   78.921
_cell.angle_alpha   90.00
_cell.angle_beta   90.00
_cell.angle_gamma   90.00
#
_symmetry.space_group_name_H-M   'P 21 21 2'
#
loop_
_entity.id
_entity.type
_entity.pdbx_description
1 polymer 'NAD-dependent deacetylase 2'
2 non-polymer 'ZINC ION'
3 non-polymer 'SULFATE ION'
4 non-polymer NICOTINAMIDE-ADENINE-DINUCLEOTIDE
5 non-polymer 'PENTAETHYLENE GLYCOL'
6 non-polymer 1,2-ETHANEDIOL
7 non-polymer 'NONAETHYLENE GLYCOL'
8 non-polymer 'HEXAETHYLENE GLYCOL'
9 non-polymer 'TETRAETHYLENE GLYCOL'
10 non-polymer ADENOSINE-5-DIPHOSPHORIBOSE
11 water water
#
_entity_poly.entity_id   1
_entity_poly.type   'polypeptide(L)'
_entity_poly.pdbx_seq_one_letter_code
;MEDEIRKAAEILAKSKHAVVFTGAGISAESGIPTFRGEDGLWRKYDPEEVASISGFKRNPRAFWEFSMEMKDKLFAEPNP
AHYAIAELERMGIVKAVITQNIDMLHQRAGSRRVLELHGSMDKLDCLDCHETYDWSEFVEDFNKGEIPRCRKCGSYYVKP
RVVLFGEPLPQRTLFEAIEEAKHCDAFMVVGSSLVVYPAAELPYIAKKAGAKMIIVNAEPTMADPIFDVKIIGKAGEVLP
KIVEEVKRLRSEK
;
_entity_poly.pdbx_strand_id   A,B,C,D,E
#
# COMPACT_ATOMS: atom_id res chain seq x y z
N MET A 1 7.58 -21.47 25.45
CA MET A 1 6.46 -22.38 25.08
C MET A 1 5.75 -21.85 23.84
N GLU A 2 4.88 -22.68 23.26
CA GLU A 2 4.12 -22.32 22.07
C GLU A 2 5.05 -22.16 20.87
N ASP A 3 5.25 -23.25 20.13
CA ASP A 3 6.13 -23.24 18.97
C ASP A 3 5.64 -22.29 17.86
N GLU A 4 4.33 -22.15 17.73
CA GLU A 4 3.76 -21.28 16.71
C GLU A 4 4.14 -19.81 16.91
N ILE A 5 3.97 -19.32 18.12
CA ILE A 5 4.31 -17.94 18.44
C ILE A 5 5.79 -17.67 18.18
N ARG A 6 6.65 -18.59 18.60
CA ARG A 6 8.09 -18.43 18.39
C ARG A 6 8.38 -18.38 16.88
N LYS A 7 7.75 -19.28 16.13
CA LYS A 7 7.96 -19.34 14.69
C LYS A 7 7.49 -18.06 14.00
N ALA A 8 6.33 -17.56 14.42
CA ALA A 8 5.79 -16.33 13.85
C ALA A 8 6.77 -15.17 14.10
N ALA A 9 7.30 -15.12 15.30
CA ALA A 9 8.24 -14.08 15.69
C ALA A 9 9.54 -14.21 14.88
N GLU A 10 9.96 -15.44 14.62
CA GLU A 10 11.17 -15.66 13.85
C GLU A 10 11.02 -15.08 12.45
N ILE A 11 9.89 -15.38 11.80
CA ILE A 11 9.63 -14.88 10.47
C ILE A 11 9.59 -13.34 10.44
N LEU A 12 8.86 -12.75 11.37
CA LEU A 12 8.75 -11.31 11.43
C LEU A 12 10.09 -10.66 11.73
N ALA A 13 10.78 -11.15 12.75
CA ALA A 13 12.08 -10.58 13.12
C ALA A 13 13.00 -10.53 11.92
N LYS A 14 12.75 -11.42 10.95
CA LYS A 14 13.58 -11.48 9.75
C LYS A 14 13.01 -10.74 8.56
N SER A 15 11.79 -10.22 8.67
CA SER A 15 11.22 -9.51 7.53
C SER A 15 11.38 -7.99 7.64
N LYS A 16 11.51 -7.33 6.49
CA LYS A 16 11.69 -5.88 6.46
C LYS A 16 10.53 -5.17 5.75
N HIS A 17 9.55 -5.93 5.29
CA HIS A 17 8.42 -5.34 4.61
C HIS A 17 7.18 -6.19 4.76
N ALA A 18 6.75 -6.37 6.00
CA ALA A 18 5.59 -7.20 6.29
C ALA A 18 4.28 -6.43 6.25
N VAL A 19 3.21 -7.11 5.83
CA VAL A 19 1.89 -6.51 5.75
C VAL A 19 0.93 -7.28 6.67
N VAL A 20 -0.01 -6.57 7.29
CA VAL A 20 -0.96 -7.20 8.19
C VAL A 20 -2.39 -6.98 7.67
N PHE A 21 -3.14 -8.07 7.49
CA PHE A 21 -4.52 -7.96 7.03
C PHE A 21 -5.38 -8.28 8.23
N THR A 22 -6.34 -7.41 8.54
CA THR A 22 -7.20 -7.64 9.69
C THR A 22 -8.69 -7.61 9.40
N GLY A 23 -9.43 -8.42 10.12
CA GLY A 23 -10.87 -8.49 9.97
C GLY A 23 -11.53 -8.14 11.28
N ALA A 24 -12.85 -8.27 11.34
CA ALA A 24 -13.63 -7.95 12.53
C ALA A 24 -13.13 -8.61 13.81
N GLY A 25 -12.48 -9.76 13.66
CA GLY A 25 -11.99 -10.46 14.83
C GLY A 25 -10.92 -9.74 15.62
N ILE A 26 -10.20 -8.80 15.01
CA ILE A 26 -9.16 -8.10 15.76
C ILE A 26 -9.72 -7.06 16.71
N SER A 27 -10.94 -6.61 16.44
CA SER A 27 -11.59 -5.60 17.26
C SER A 27 -12.60 -6.20 18.24
N ALA A 28 -12.66 -7.53 18.28
CA ALA A 28 -13.58 -8.21 19.18
C ALA A 28 -13.23 -7.91 20.63
N GLU A 29 -11.94 -7.73 20.91
CA GLU A 29 -11.47 -7.44 22.27
C GLU A 29 -11.52 -5.95 22.60
N SER A 30 -12.11 -5.16 21.71
CA SER A 30 -12.25 -3.73 21.93
C SER A 30 -13.71 -3.44 22.25
N GLY A 31 -14.54 -4.47 22.15
CA GLY A 31 -15.95 -4.32 22.46
C GLY A 31 -16.86 -4.29 21.23
N ILE A 32 -16.31 -4.63 20.07
CA ILE A 32 -17.10 -4.66 18.84
C ILE A 32 -17.29 -6.11 18.40
N PRO A 33 -18.47 -6.69 18.69
CA PRO A 33 -18.74 -8.08 18.30
C PRO A 33 -18.70 -8.29 16.79
N THR A 34 -18.27 -9.49 16.39
CA THR A 34 -18.18 -9.85 14.99
C THR A 34 -19.57 -10.14 14.44
N PHE A 35 -19.65 -10.59 13.19
CA PHE A 35 -20.92 -10.91 12.54
C PHE A 35 -21.80 -11.85 13.35
N ARG A 36 -21.30 -13.06 13.61
CA ARG A 36 -22.05 -14.05 14.35
C ARG A 36 -23.33 -14.37 13.59
N GLY A 37 -23.22 -15.28 12.63
CA GLY A 37 -24.37 -15.66 11.82
C GLY A 37 -24.38 -14.90 10.52
N GLU A 38 -24.78 -13.63 10.59
CA GLU A 38 -24.85 -12.74 9.43
C GLU A 38 -26.01 -13.09 8.49
N ASP A 39 -26.34 -14.37 8.41
CA ASP A 39 -27.42 -14.84 7.55
C ASP A 39 -28.77 -14.50 8.18
N GLY A 40 -28.86 -14.71 9.50
CA GLY A 40 -30.10 -14.41 10.21
C GLY A 40 -30.35 -12.91 10.23
N LEU A 41 -29.27 -12.14 10.21
CA LEU A 41 -29.37 -10.68 10.20
C LEU A 41 -30.29 -10.23 9.07
N TRP A 42 -30.18 -10.90 7.94
CA TRP A 42 -30.98 -10.55 6.77
C TRP A 42 -32.36 -11.18 6.82
N ARG A 43 -32.70 -11.73 7.98
CA ARG A 43 -34.01 -12.32 8.22
C ARG A 43 -34.83 -11.23 8.93
N LYS A 44 -34.12 -10.36 9.65
CA LYS A 44 -34.74 -9.25 10.39
C LYS A 44 -34.90 -8.02 9.49
N TYR A 45 -33.91 -7.77 8.64
CA TYR A 45 -33.97 -6.60 7.74
C TYR A 45 -33.74 -6.95 6.28
N ASP A 46 -34.33 -6.15 5.39
CA ASP A 46 -34.15 -6.32 3.95
C ASP A 46 -32.83 -5.62 3.65
N PRO A 47 -31.79 -6.39 3.33
CA PRO A 47 -30.47 -5.81 3.04
C PRO A 47 -30.50 -4.71 1.98
N GLU A 48 -31.35 -4.87 0.99
CA GLU A 48 -31.45 -3.89 -0.07
C GLU A 48 -31.95 -2.54 0.45
N GLU A 49 -32.91 -2.55 1.38
CA GLU A 49 -33.44 -1.28 1.89
C GLU A 49 -32.64 -0.59 3.01
N VAL A 50 -31.95 -1.37 3.85
CA VAL A 50 -31.19 -0.77 4.94
C VAL A 50 -29.68 -0.68 4.74
N ALA A 51 -29.14 -1.38 3.74
CA ALA A 51 -27.70 -1.35 3.56
C ALA A 51 -27.18 -1.25 2.13
N SER A 52 -28.00 -0.77 1.21
CA SER A 52 -27.55 -0.61 -0.17
C SER A 52 -27.65 0.88 -0.51
N ILE A 53 -26.86 1.32 -1.49
CA ILE A 53 -26.87 2.72 -1.87
C ILE A 53 -28.25 3.09 -2.40
N SER A 54 -28.89 2.15 -3.08
CA SER A 54 -30.20 2.39 -3.64
C SER A 54 -31.20 2.59 -2.51
N GLY A 55 -31.13 1.71 -1.50
CA GLY A 55 -32.02 1.84 -0.36
C GLY A 55 -31.76 3.13 0.39
N PHE A 56 -30.52 3.56 0.43
CA PHE A 56 -30.20 4.80 1.13
C PHE A 56 -30.83 6.02 0.46
N LYS A 57 -30.72 6.10 -0.87
CA LYS A 57 -31.29 7.24 -1.59
C LYS A 57 -32.81 7.24 -1.56
N ARG A 58 -33.40 6.08 -1.35
CA ARG A 58 -34.84 5.95 -1.29
C ARG A 58 -35.39 6.36 0.09
N ASN A 59 -34.67 5.99 1.14
CA ASN A 59 -35.09 6.31 2.51
C ASN A 59 -33.92 6.18 3.50
N PRO A 60 -33.18 7.28 3.76
CA PRO A 60 -32.03 7.32 4.66
C PRO A 60 -32.29 6.77 6.06
N ARG A 61 -33.48 7.01 6.58
CA ARG A 61 -33.84 6.57 7.92
C ARG A 61 -33.67 5.08 8.13
N ALA A 62 -33.97 4.29 7.10
CA ALA A 62 -33.85 2.84 7.19
C ALA A 62 -32.43 2.42 7.54
N PHE A 63 -31.45 2.98 6.83
CA PHE A 63 -30.05 2.66 7.10
C PHE A 63 -29.63 3.08 8.50
N TRP A 64 -29.95 4.32 8.87
CA TRP A 64 -29.58 4.82 10.19
C TRP A 64 -30.27 4.10 11.36
N GLU A 65 -31.55 3.78 11.23
CA GLU A 65 -32.23 3.08 12.30
C GLU A 65 -31.71 1.64 12.38
N PHE A 66 -31.35 1.09 11.23
CA PHE A 66 -30.79 -0.25 11.19
C PHE A 66 -29.48 -0.20 11.96
N SER A 67 -28.70 0.85 11.73
CA SER A 67 -27.41 1.01 12.41
C SER A 67 -27.54 1.25 13.91
N MET A 68 -28.56 1.97 14.33
CA MET A 68 -28.75 2.23 15.74
C MET A 68 -29.12 0.95 16.50
N GLU A 69 -29.92 0.10 15.88
CA GLU A 69 -30.37 -1.15 16.49
C GLU A 69 -29.25 -2.18 16.66
N MET A 70 -28.30 -2.19 15.74
CA MET A 70 -27.17 -3.11 15.80
C MET A 70 -25.92 -2.30 16.16
N LYS A 71 -26.14 -1.12 16.73
CA LYS A 71 -25.09 -0.19 17.13
C LYS A 71 -23.82 -0.79 17.74
N ASP A 72 -23.93 -1.25 18.98
CA ASP A 72 -22.80 -1.83 19.72
C ASP A 72 -21.92 -0.72 20.30
N LYS A 73 -20.60 -0.93 20.29
CA LYS A 73 -19.66 0.05 20.82
C LYS A 73 -19.38 1.19 19.84
N LEU A 74 -19.62 2.41 20.28
CA LEU A 74 -19.37 3.59 19.46
C LEU A 74 -18.10 4.30 19.92
N PHE A 75 -17.72 4.10 21.17
CA PHE A 75 -16.52 4.74 21.68
C PHE A 75 -15.42 3.75 22.01
N ALA A 76 -15.44 2.63 21.31
CA ALA A 76 -14.42 1.61 21.50
C ALA A 76 -13.03 2.21 21.30
N GLU A 77 -12.04 1.63 21.96
CA GLU A 77 -10.67 2.08 21.87
C GLU A 77 -9.83 0.91 21.38
N PRO A 78 -8.71 1.19 20.74
CA PRO A 78 -7.90 0.06 20.27
C PRO A 78 -7.49 -0.85 21.43
N ASN A 79 -7.29 -2.13 21.13
CA ASN A 79 -6.91 -3.08 22.16
C ASN A 79 -5.45 -3.47 21.94
N PRO A 80 -4.90 -4.34 22.81
CA PRO A 80 -3.50 -4.76 22.69
C PRO A 80 -3.09 -5.22 21.28
N ALA A 81 -4.00 -5.88 20.57
CA ALA A 81 -3.68 -6.34 19.22
C ALA A 81 -3.34 -5.15 18.32
N HIS A 82 -4.18 -4.11 18.33
CA HIS A 82 -3.95 -2.92 17.53
C HIS A 82 -2.62 -2.25 17.87
N TYR A 83 -2.30 -2.21 19.16
CA TYR A 83 -1.06 -1.59 19.60
C TYR A 83 0.15 -2.40 19.17
N ALA A 84 0.03 -3.72 19.28
CA ALA A 84 1.13 -4.62 18.90
C ALA A 84 1.49 -4.39 17.43
N ILE A 85 0.48 -4.21 16.60
CA ILE A 85 0.68 -3.99 15.17
C ILE A 85 1.35 -2.64 14.91
N ALA A 86 0.99 -1.63 15.71
CA ALA A 86 1.60 -0.30 15.55
C ALA A 86 3.06 -0.38 16.00
N GLU A 87 3.31 -1.15 17.06
CA GLU A 87 4.67 -1.31 17.55
C GLU A 87 5.54 -1.94 16.48
N LEU A 88 5.00 -2.93 15.77
CA LEU A 88 5.74 -3.60 14.71
C LEU A 88 6.12 -2.65 13.59
N GLU A 89 5.26 -1.65 13.34
CA GLU A 89 5.54 -0.67 12.29
C GLU A 89 6.71 0.19 12.73
N ARG A 90 6.67 0.60 14.00
CA ARG A 90 7.72 1.43 14.57
C ARG A 90 9.07 0.72 14.53
N MET A 91 9.01 -0.60 14.64
CA MET A 91 10.22 -1.42 14.61
C MET A 91 10.76 -1.61 13.20
N GLY A 92 10.08 -1.03 12.20
CA GLY A 92 10.52 -1.16 10.83
C GLY A 92 10.22 -2.52 10.20
N ILE A 93 9.29 -3.27 10.79
CA ILE A 93 8.93 -4.59 10.27
C ILE A 93 7.67 -4.52 9.41
N VAL A 94 6.58 -3.99 9.98
CA VAL A 94 5.32 -3.85 9.26
C VAL A 94 5.31 -2.53 8.50
N LYS A 95 4.98 -2.60 7.21
CA LYS A 95 4.97 -1.44 6.34
C LYS A 95 3.56 -1.03 5.93
N ALA A 96 2.59 -1.88 6.17
CA ALA A 96 1.22 -1.56 5.82
C ALA A 96 0.21 -2.42 6.53
N VAL A 97 -0.95 -1.84 6.80
CA VAL A 97 -2.04 -2.57 7.42
C VAL A 97 -3.20 -2.49 6.44
N ILE A 98 -3.73 -3.63 6.05
CA ILE A 98 -4.87 -3.68 5.15
C ILE A 98 -6.01 -4.16 6.02
N THR A 99 -7.12 -3.44 6.04
CA THR A 99 -8.21 -3.86 6.90
C THR A 99 -9.57 -3.75 6.26
N GLN A 100 -10.48 -4.57 6.79
CA GLN A 100 -11.85 -4.59 6.34
C GLN A 100 -12.70 -3.87 7.37
N ASN A 101 -12.11 -3.52 8.51
CA ASN A 101 -12.85 -2.83 9.55
C ASN A 101 -13.04 -1.34 9.23
N ILE A 102 -14.11 -0.77 9.74
CA ILE A 102 -14.43 0.63 9.52
C ILE A 102 -14.33 1.45 10.82
N ASP A 103 -13.78 0.84 11.87
CA ASP A 103 -13.66 1.51 13.17
C ASP A 103 -12.46 2.45 13.35
N MET A 104 -11.52 2.42 12.41
CA MET A 104 -10.34 3.29 12.46
C MET A 104 -9.48 3.08 13.70
N LEU A 105 -9.60 1.91 14.32
CA LEU A 105 -8.83 1.63 15.51
C LEU A 105 -7.33 1.50 15.22
N HIS A 106 -6.98 1.14 13.99
CA HIS A 106 -5.56 1.02 13.64
C HIS A 106 -4.85 2.37 13.66
N GLN A 107 -5.50 3.40 13.10
CA GLN A 107 -4.91 4.72 13.06
C GLN A 107 -4.82 5.30 14.47
N ARG A 108 -5.91 5.16 15.23
CA ARG A 108 -5.93 5.66 16.60
C ARG A 108 -4.86 4.98 17.44
N ALA A 109 -4.41 3.80 17.03
CA ALA A 109 -3.39 3.09 17.78
C ALA A 109 -1.97 3.43 17.30
N GLY A 110 -1.85 4.26 16.27
CA GLY A 110 -0.52 4.63 15.81
C GLY A 110 -0.10 4.18 14.41
N SER A 111 -0.88 3.33 13.76
CA SER A 111 -0.50 2.86 12.43
C SER A 111 -0.53 4.02 11.45
N ARG A 112 0.56 4.22 10.72
CA ARG A 112 0.61 5.32 9.77
C ARG A 112 0.08 4.95 8.40
N ARG A 113 0.06 3.65 8.08
CA ARG A 113 -0.43 3.22 6.77
C ARG A 113 -1.51 2.17 6.89
N VAL A 114 -2.74 2.60 6.67
CA VAL A 114 -3.89 1.72 6.76
C VAL A 114 -4.73 1.84 5.49
N LEU A 115 -4.91 0.72 4.79
CA LEU A 115 -5.71 0.69 3.57
C LEU A 115 -7.06 0.13 3.97
N GLU A 116 -8.08 0.99 3.98
CA GLU A 116 -9.43 0.60 4.39
C GLU A 116 -10.28 0.14 3.21
N LEU A 117 -10.37 -1.17 3.05
CA LEU A 117 -11.13 -1.76 1.94
C LEU A 117 -12.64 -1.54 1.96
N HIS A 118 -13.21 -1.31 3.14
CA HIS A 118 -14.64 -1.08 3.22
C HIS A 118 -14.97 0.35 3.63
N GLY A 119 -13.98 1.23 3.53
CA GLY A 119 -14.18 2.62 3.92
C GLY A 119 -14.07 2.74 5.43
N SER A 120 -14.64 3.79 6.00
CA SER A 120 -14.58 3.97 7.44
C SER A 120 -15.55 5.05 7.93
N MET A 121 -15.83 5.04 9.22
CA MET A 121 -16.73 6.01 9.83
C MET A 121 -15.96 7.29 10.20
N ASP A 122 -15.14 7.77 9.29
CA ASP A 122 -14.37 8.97 9.57
C ASP A 122 -15.15 10.24 9.22
N LYS A 123 -15.67 10.30 8.00
CA LYS A 123 -16.41 11.46 7.55
C LYS A 123 -17.73 11.10 6.86
N LEU A 124 -18.66 12.06 6.86
CA LEU A 124 -19.95 11.85 6.23
C LEU A 124 -20.22 12.98 5.25
N ASP A 125 -21.06 12.71 4.26
CA ASP A 125 -21.39 13.73 3.26
C ASP A 125 -22.88 13.92 3.08
N CYS A 126 -23.31 15.17 3.02
CA CYS A 126 -24.71 15.43 2.76
C CYS A 126 -24.84 15.27 1.25
N LEU A 127 -25.73 14.39 0.82
CA LEU A 127 -25.95 14.12 -0.60
C LEU A 127 -26.63 15.26 -1.34
N ASP A 128 -27.27 16.17 -0.60
CA ASP A 128 -27.95 17.29 -1.26
C ASP A 128 -27.11 18.54 -1.43
N CYS A 129 -26.45 19.01 -0.38
CA CYS A 129 -25.63 20.22 -0.50
C CYS A 129 -24.11 20.00 -0.49
N HIS A 130 -23.69 18.76 -0.28
CA HIS A 130 -22.27 18.39 -0.28
C HIS A 130 -21.42 18.81 0.89
N GLU A 131 -22.06 19.24 1.97
CA GLU A 131 -21.33 19.62 3.17
C GLU A 131 -20.73 18.33 3.73
N THR A 132 -19.55 18.39 4.30
CA THR A 132 -18.94 17.20 4.88
C THR A 132 -18.78 17.40 6.38
N TYR A 133 -18.97 16.33 7.15
CA TYR A 133 -18.85 16.38 8.59
C TYR A 133 -18.01 15.22 9.10
N ASP A 134 -17.48 15.37 10.32
CA ASP A 134 -16.72 14.30 10.94
C ASP A 134 -17.76 13.53 11.75
N TRP A 135 -17.60 12.21 11.83
CA TRP A 135 -18.53 11.38 12.57
C TRP A 135 -18.66 11.87 14.01
N SER A 136 -17.62 12.54 14.51
CA SER A 136 -17.62 13.05 15.88
C SER A 136 -18.72 14.09 16.11
N GLU A 137 -19.26 14.67 15.04
CA GLU A 137 -20.30 15.67 15.19
C GLU A 137 -21.68 15.05 15.35
N PHE A 138 -21.81 13.76 15.03
CA PHE A 138 -23.10 13.08 15.12
C PHE A 138 -23.17 11.93 16.13
N VAL A 139 -22.01 11.39 16.52
CA VAL A 139 -21.98 10.25 17.43
C VAL A 139 -22.96 10.28 18.59
N GLU A 140 -22.86 11.31 19.41
CA GLU A 140 -23.74 11.44 20.57
C GLU A 140 -25.22 11.60 20.22
N ASP A 141 -25.54 12.39 19.21
CA ASP A 141 -26.95 12.56 18.83
C ASP A 141 -27.48 11.20 18.38
N PHE A 142 -26.64 10.49 17.63
CA PHE A 142 -26.98 9.17 17.11
C PHE A 142 -27.17 8.17 18.25
N ASN A 143 -26.34 8.28 19.28
CA ASN A 143 -26.42 7.39 20.43
C ASN A 143 -27.72 7.62 21.21
N LYS A 144 -28.35 8.77 21.00
CA LYS A 144 -29.59 9.10 21.67
C LYS A 144 -30.76 8.74 20.76
N GLY A 145 -30.46 8.12 19.62
CA GLY A 145 -31.48 7.73 18.67
C GLY A 145 -31.82 8.81 17.66
N GLU A 146 -30.95 9.81 17.55
CA GLU A 146 -31.19 10.91 16.63
C GLU A 146 -30.49 10.70 15.28
N ILE A 147 -31.30 10.55 14.23
CA ILE A 147 -30.77 10.34 12.88
C ILE A 147 -30.00 11.60 12.47
N PRO A 148 -28.75 11.44 12.02
CA PRO A 148 -27.99 12.61 11.60
C PRO A 148 -28.66 13.40 10.47
N ARG A 149 -28.69 14.72 10.64
CA ARG A 149 -29.28 15.62 9.65
C ARG A 149 -28.26 16.66 9.30
N CYS A 150 -28.28 17.13 8.06
CA CYS A 150 -27.33 18.15 7.65
C CYS A 150 -27.70 19.45 8.38
N ARG A 151 -26.70 20.07 8.99
CA ARG A 151 -26.91 21.32 9.72
C ARG A 151 -26.97 22.55 8.83
N LYS A 152 -26.48 22.43 7.59
CA LYS A 152 -26.49 23.57 6.68
C LYS A 152 -27.74 23.64 5.80
N CYS A 153 -28.26 22.51 5.36
CA CYS A 153 -29.45 22.51 4.50
C CYS A 153 -30.64 21.76 5.10
N GLY A 154 -30.40 21.01 6.17
CA GLY A 154 -31.49 20.28 6.81
C GLY A 154 -31.85 18.93 6.20
N SER A 155 -31.03 18.47 5.26
CA SER A 155 -31.27 17.18 4.60
C SER A 155 -31.03 15.97 5.52
N TYR A 156 -31.76 14.89 5.25
CA TYR A 156 -31.59 13.66 6.03
C TYR A 156 -30.75 12.68 5.24
N TYR A 157 -30.11 13.16 4.18
CA TYR A 157 -29.26 12.33 3.35
C TYR A 157 -27.78 12.54 3.65
N VAL A 158 -27.37 12.21 4.87
CA VAL A 158 -25.98 12.34 5.26
C VAL A 158 -25.42 10.92 5.21
N LYS A 159 -24.69 10.62 4.14
CA LYS A 159 -24.12 9.29 3.93
C LYS A 159 -22.68 9.11 4.43
N PRO A 160 -22.44 8.09 5.28
CA PRO A 160 -21.09 7.88 5.78
C PRO A 160 -20.23 7.31 4.64
N ARG A 161 -18.92 7.49 4.71
CA ARG A 161 -18.03 6.98 3.66
C ARG A 161 -17.65 5.51 3.82
N VAL A 162 -18.66 4.64 3.90
CA VAL A 162 -18.41 3.21 4.03
C VAL A 162 -19.01 2.57 2.80
N VAL A 163 -18.51 1.39 2.44
CA VAL A 163 -19.02 0.69 1.28
C VAL A 163 -20.37 0.03 1.57
N LEU A 164 -21.39 0.37 0.78
CA LEU A 164 -22.72 -0.22 0.94
C LEU A 164 -22.94 -1.18 -0.23
N PHE A 165 -23.97 -2.03 -0.13
CA PHE A 165 -24.28 -2.95 -1.22
C PHE A 165 -24.62 -2.10 -2.45
N GLY A 166 -24.32 -2.62 -3.63
CA GLY A 166 -24.66 -1.87 -4.83
C GLY A 166 -23.57 -0.93 -5.31
N GLU A 167 -22.57 -0.68 -4.47
CA GLU A 167 -21.48 0.19 -4.88
C GLU A 167 -20.19 -0.62 -4.84
N PRO A 168 -19.27 -0.31 -5.74
CA PRO A 168 -17.98 -1.00 -5.84
C PRO A 168 -17.02 -0.68 -4.69
N LEU A 169 -16.02 -1.54 -4.54
CA LEU A 169 -15.00 -1.36 -3.51
C LEU A 169 -14.12 -0.19 -3.94
N PRO A 170 -13.48 0.49 -2.99
CA PRO A 170 -12.62 1.61 -3.39
C PRO A 170 -11.47 1.05 -4.21
N GLN A 171 -11.53 1.26 -5.52
CA GLN A 171 -10.53 0.74 -6.45
C GLN A 171 -9.08 1.11 -6.21
N ARG A 172 -8.79 2.40 -6.03
CA ARG A 172 -7.40 2.79 -5.81
C ARG A 172 -6.83 2.18 -4.53
N THR A 173 -7.66 1.98 -3.52
CA THR A 173 -7.20 1.39 -2.26
C THR A 173 -6.98 -0.10 -2.48
N LEU A 174 -7.96 -0.75 -3.11
CA LEU A 174 -7.87 -2.18 -3.39
C LEU A 174 -6.61 -2.45 -4.22
N PHE A 175 -6.37 -1.58 -5.19
CA PHE A 175 -5.23 -1.65 -6.09
C PHE A 175 -3.94 -1.58 -5.26
N GLU A 176 -3.88 -0.65 -4.31
CA GLU A 176 -2.71 -0.52 -3.45
C GLU A 176 -2.56 -1.75 -2.54
N ALA A 177 -3.67 -2.28 -2.05
CA ALA A 177 -3.62 -3.46 -1.17
C ALA A 177 -3.02 -4.65 -1.92
N ILE A 178 -3.45 -4.83 -3.16
CA ILE A 178 -2.97 -5.93 -3.99
C ILE A 178 -1.48 -5.76 -4.32
N GLU A 179 -1.05 -4.54 -4.63
CA GLU A 179 0.36 -4.34 -4.91
C GLU A 179 1.14 -4.70 -3.64
N GLU A 180 0.55 -4.34 -2.50
CA GLU A 180 1.15 -4.61 -1.21
C GLU A 180 1.33 -6.13 -1.00
N ALA A 181 0.32 -6.91 -1.34
CA ALA A 181 0.42 -8.35 -1.18
C ALA A 181 1.45 -8.96 -2.12
N LYS A 182 1.67 -8.33 -3.27
CA LYS A 182 2.61 -8.84 -4.26
C LYS A 182 4.09 -8.57 -3.99
N HIS A 183 4.39 -7.57 -3.18
CA HIS A 183 5.80 -7.28 -2.92
C HIS A 183 6.21 -7.37 -1.45
N CYS A 184 5.31 -7.81 -0.59
CA CYS A 184 5.67 -7.94 0.83
C CYS A 184 6.52 -9.21 1.00
N ASP A 185 7.28 -9.30 2.09
CA ASP A 185 8.08 -10.49 2.32
C ASP A 185 7.46 -11.34 3.41
N ALA A 186 6.47 -10.76 4.09
CA ALA A 186 5.73 -11.44 5.14
C ALA A 186 4.28 -10.93 5.11
N PHE A 187 3.32 -11.85 5.13
CA PHE A 187 1.91 -11.47 5.10
C PHE A 187 1.20 -12.15 6.27
N MET A 188 0.68 -11.35 7.20
CA MET A 188 0.00 -11.89 8.38
C MET A 188 -1.49 -11.52 8.46
N VAL A 189 -2.33 -12.51 8.67
CA VAL A 189 -3.77 -12.29 8.80
C VAL A 189 -4.14 -12.37 10.27
N VAL A 190 -4.97 -11.42 10.72
CA VAL A 190 -5.39 -11.40 12.12
C VAL A 190 -6.88 -11.16 12.22
N GLY A 191 -7.60 -12.13 12.77
CA GLY A 191 -9.04 -11.97 12.94
C GLY A 191 -9.92 -11.82 11.72
N SER A 192 -9.69 -12.63 10.69
CA SER A 192 -10.52 -12.59 9.49
C SER A 192 -10.84 -14.03 9.06
N SER A 193 -12.08 -14.28 8.67
CA SER A 193 -12.45 -15.63 8.24
C SER A 193 -12.01 -15.90 6.79
N LEU A 194 -11.59 -14.85 6.09
CA LEU A 194 -11.12 -14.96 4.71
C LEU A 194 -12.14 -15.65 3.82
N VAL A 195 -13.41 -15.31 3.98
CA VAL A 195 -14.44 -15.97 3.20
C VAL A 195 -14.83 -15.27 1.89
N VAL A 196 -14.85 -13.95 1.89
CA VAL A 196 -15.24 -13.21 0.70
C VAL A 196 -14.17 -12.26 0.16
N TYR A 197 -14.15 -12.09 -1.16
CA TYR A 197 -13.19 -11.21 -1.80
C TYR A 197 -13.38 -9.80 -1.26
N PRO A 198 -12.29 -9.05 -1.04
CA PRO A 198 -10.88 -9.42 -1.27
C PRO A 198 -10.17 -10.21 -0.17
N ALA A 199 -10.73 -10.23 1.03
CA ALA A 199 -10.10 -10.95 2.14
C ALA A 199 -9.70 -12.35 1.73
N ALA A 200 -10.58 -13.03 1.02
CA ALA A 200 -10.33 -14.40 0.59
C ALA A 200 -9.22 -14.58 -0.44
N GLU A 201 -8.95 -13.54 -1.23
CA GLU A 201 -7.93 -13.68 -2.27
C GLU A 201 -6.54 -13.12 -1.98
N LEU A 202 -6.44 -12.04 -1.21
CA LEU A 202 -5.14 -11.44 -0.89
C LEU A 202 -4.10 -12.43 -0.37
N PRO A 203 -4.48 -13.34 0.54
CA PRO A 203 -3.50 -14.31 1.07
C PRO A 203 -2.89 -15.16 -0.06
N TYR A 204 -3.73 -15.57 -1.02
CA TYR A 204 -3.28 -16.38 -2.16
C TYR A 204 -2.38 -15.57 -3.07
N ILE A 205 -2.63 -14.26 -3.16
CA ILE A 205 -1.81 -13.39 -3.98
C ILE A 205 -0.43 -13.28 -3.34
N ALA A 206 -0.39 -13.04 -2.03
CA ALA A 206 0.90 -12.93 -1.33
C ALA A 206 1.63 -14.28 -1.39
N LYS A 207 0.89 -15.37 -1.22
CA LYS A 207 1.47 -16.71 -1.26
C LYS A 207 2.18 -16.94 -2.61
N LYS A 208 1.49 -16.65 -3.72
CA LYS A 208 2.10 -16.85 -5.04
C LYS A 208 3.35 -15.96 -5.23
N ALA A 209 3.31 -14.77 -4.65
CA ALA A 209 4.43 -13.84 -4.76
C ALA A 209 5.64 -14.27 -3.92
N GLY A 210 5.46 -15.28 -3.06
CA GLY A 210 6.57 -15.77 -2.26
C GLY A 210 6.72 -15.28 -0.83
N ALA A 211 5.75 -14.55 -0.32
CA ALA A 211 5.83 -14.05 1.06
C ALA A 211 5.59 -15.17 2.08
N LYS A 212 6.14 -15.00 3.28
CA LYS A 212 5.92 -15.97 4.35
C LYS A 212 4.50 -15.68 4.84
N MET A 213 3.76 -16.71 5.22
CA MET A 213 2.38 -16.51 5.64
C MET A 213 2.09 -16.87 7.08
N ILE A 214 1.46 -15.94 7.80
CA ILE A 214 1.10 -16.16 9.19
C ILE A 214 -0.38 -15.83 9.39
N ILE A 215 -1.07 -16.61 10.20
CA ILE A 215 -2.46 -16.30 10.49
C ILE A 215 -2.74 -16.52 11.97
N VAL A 216 -3.47 -15.58 12.56
CA VAL A 216 -3.85 -15.61 13.96
C VAL A 216 -5.35 -15.42 13.95
N ASN A 217 -6.08 -16.46 14.35
CA ASN A 217 -7.52 -16.41 14.35
C ASN A 217 -8.09 -17.27 15.45
N ALA A 218 -9.30 -16.96 15.89
CA ALA A 218 -9.94 -17.73 16.94
C ALA A 218 -10.38 -19.09 16.41
N GLU A 219 -10.56 -19.16 15.09
CA GLU A 219 -11.00 -20.39 14.45
C GLU A 219 -10.36 -20.60 13.09
N PRO A 220 -10.17 -21.87 12.70
CA PRO A 220 -9.57 -22.20 11.41
C PRO A 220 -10.34 -21.63 10.23
N THR A 221 -9.67 -21.56 9.08
CA THR A 221 -10.27 -21.07 7.85
C THR A 221 -9.86 -22.03 6.74
N MET A 222 -10.57 -21.97 5.62
CA MET A 222 -10.28 -22.84 4.48
C MET A 222 -8.96 -22.49 3.80
N ALA A 223 -8.42 -21.32 4.11
CA ALA A 223 -7.15 -20.91 3.53
C ALA A 223 -5.98 -21.35 4.40
N ASP A 224 -6.28 -21.86 5.60
CA ASP A 224 -5.27 -22.33 6.56
C ASP A 224 -4.09 -23.12 5.97
N PRO A 225 -4.36 -24.08 5.06
CA PRO A 225 -3.30 -24.89 4.46
C PRO A 225 -2.11 -24.16 3.83
N ILE A 226 -2.30 -22.93 3.35
CA ILE A 226 -1.19 -22.21 2.73
C ILE A 226 -0.34 -21.39 3.70
N PHE A 227 -0.73 -21.37 4.97
CA PHE A 227 0.02 -20.59 5.95
C PHE A 227 1.21 -21.33 6.56
N ASP A 228 2.37 -20.66 6.62
CA ASP A 228 3.56 -21.26 7.21
C ASP A 228 3.36 -21.45 8.70
N VAL A 229 2.64 -20.53 9.32
CA VAL A 229 2.34 -20.60 10.75
C VAL A 229 0.86 -20.28 10.93
N LYS A 230 0.21 -21.06 11.78
CA LYS A 230 -1.20 -20.85 12.06
C LYS A 230 -1.37 -20.92 13.57
N ILE A 231 -2.01 -19.91 14.13
CA ILE A 231 -2.19 -19.83 15.57
C ILE A 231 -3.66 -19.69 15.93
N ILE A 232 -4.12 -20.52 16.85
CA ILE A 232 -5.51 -20.46 17.30
C ILE A 232 -5.51 -19.65 18.60
N GLY A 233 -6.26 -18.56 18.63
CA GLY A 233 -6.31 -17.76 19.84
C GLY A 233 -6.83 -16.35 19.63
N LYS A 234 -6.84 -15.58 20.71
CA LYS A 234 -7.30 -14.21 20.65
C LYS A 234 -6.16 -13.28 20.25
N ALA A 235 -6.43 -12.42 19.26
CA ALA A 235 -5.43 -11.49 18.76
C ALA A 235 -4.85 -10.61 19.87
N GLY A 236 -5.73 -10.04 20.69
CA GLY A 236 -5.28 -9.19 21.77
C GLY A 236 -4.33 -9.86 22.75
N GLU A 237 -4.30 -11.19 22.74
CA GLU A 237 -3.43 -11.93 23.63
C GLU A 237 -2.18 -12.41 22.90
N VAL A 238 -2.42 -12.98 21.71
CA VAL A 238 -1.33 -13.53 20.91
C VAL A 238 -0.37 -12.49 20.33
N LEU A 239 -0.91 -11.44 19.72
CA LEU A 239 -0.08 -10.40 19.11
C LEU A 239 1.01 -9.80 20.02
N PRO A 240 0.66 -9.37 21.24
CA PRO A 240 1.73 -8.82 22.09
C PRO A 240 2.80 -9.84 22.44
N LYS A 241 2.44 -11.13 22.49
CA LYS A 241 3.41 -12.18 22.79
C LYS A 241 4.41 -12.28 21.65
N ILE A 242 3.92 -12.20 20.43
CA ILE A 242 4.78 -12.29 19.26
C ILE A 242 5.73 -11.09 19.22
N VAL A 243 5.21 -9.90 19.50
CA VAL A 243 6.03 -8.71 19.48
C VAL A 243 7.15 -8.82 20.52
N GLU A 244 6.80 -9.21 21.75
CA GLU A 244 7.78 -9.36 22.82
C GLU A 244 8.90 -10.28 22.36
N GLU A 245 8.53 -11.40 21.75
CA GLU A 245 9.49 -12.37 21.26
C GLU A 245 10.36 -11.77 20.15
N VAL A 246 9.75 -10.96 19.28
CA VAL A 246 10.49 -10.33 18.20
C VAL A 246 11.53 -9.39 18.79
N LYS A 247 11.12 -8.64 19.81
CA LYS A 247 12.03 -7.70 20.46
C LYS A 247 13.22 -8.45 21.06
N ARG A 248 12.94 -9.60 21.68
CA ARG A 248 13.99 -10.41 22.29
C ARG A 248 14.98 -10.92 21.25
N LEU A 249 14.48 -11.33 20.09
CA LEU A 249 15.35 -11.81 19.03
C LEU A 249 16.20 -10.64 18.55
N ARG A 250 15.59 -9.46 18.52
CA ARG A 250 16.29 -8.24 18.08
C ARG A 250 17.38 -7.89 19.09
N SER A 251 17.13 -8.22 20.37
CA SER A 251 18.08 -7.95 21.44
C SER A 251 18.85 -9.22 21.79
N GLU A 252 19.64 -9.71 20.83
CA GLU A 252 20.44 -10.92 21.02
C GLU A 252 21.26 -11.22 19.77
N MET B 1 -32.48 -33.91 -2.66
CA MET B 1 -32.98 -32.62 -3.22
C MET B 1 -32.85 -31.47 -2.23
N GLU B 2 -31.85 -30.62 -2.44
CA GLU B 2 -31.63 -29.46 -1.58
C GLU B 2 -32.77 -28.47 -1.85
N ASP B 3 -33.26 -27.83 -0.81
CA ASP B 3 -34.36 -26.89 -0.97
C ASP B 3 -34.06 -25.66 -1.79
N GLU B 4 -32.83 -25.16 -1.74
CA GLU B 4 -32.50 -23.97 -2.52
C GLU B 4 -32.54 -24.29 -4.02
N ILE B 5 -32.15 -25.50 -4.37
CA ILE B 5 -32.17 -25.93 -5.76
C ILE B 5 -33.61 -25.91 -6.26
N ARG B 6 -34.49 -26.50 -5.45
CA ARG B 6 -35.90 -26.57 -5.77
C ARG B 6 -36.46 -25.15 -5.98
N LYS B 7 -36.07 -24.23 -5.11
CA LYS B 7 -36.51 -22.84 -5.19
C LYS B 7 -36.00 -22.19 -6.48
N ALA B 8 -34.76 -22.50 -6.85
CA ALA B 8 -34.20 -21.93 -8.07
C ALA B 8 -35.04 -22.44 -9.26
N ALA B 9 -35.37 -23.72 -9.24
CA ALA B 9 -36.15 -24.31 -10.32
C ALA B 9 -37.54 -23.69 -10.45
N GLU B 10 -38.22 -23.48 -9.33
CA GLU B 10 -39.54 -22.89 -9.36
C GLU B 10 -39.48 -21.51 -10.04
N ILE B 11 -38.40 -20.77 -9.78
CA ILE B 11 -38.24 -19.45 -10.38
C ILE B 11 -38.07 -19.55 -11.90
N LEU B 12 -37.17 -20.44 -12.33
CA LEU B 12 -36.91 -20.62 -13.76
C LEU B 12 -38.14 -21.14 -14.50
N ALA B 13 -38.82 -22.11 -13.90
CA ALA B 13 -40.01 -22.70 -14.51
C ALA B 13 -41.06 -21.66 -14.90
N LYS B 14 -41.10 -20.55 -14.19
CA LYS B 14 -42.08 -19.50 -14.48
C LYS B 14 -41.49 -18.32 -15.26
N SER B 15 -40.25 -18.46 -15.71
CA SER B 15 -39.59 -17.40 -16.48
C SER B 15 -39.62 -17.69 -17.97
N LYS B 16 -39.64 -16.63 -18.78
CA LYS B 16 -39.65 -16.80 -20.22
C LYS B 16 -38.57 -15.93 -20.86
N HIS B 17 -37.80 -15.25 -20.02
CA HIS B 17 -36.70 -14.43 -20.52
C HIS B 17 -35.60 -14.36 -19.46
N ALA B 18 -35.13 -15.53 -19.03
CA ALA B 18 -34.09 -15.60 -18.03
C ALA B 18 -32.74 -15.34 -18.69
N VAL B 19 -31.84 -14.75 -17.92
CA VAL B 19 -30.49 -14.45 -18.41
C VAL B 19 -29.51 -15.08 -17.43
N VAL B 20 -28.48 -15.73 -17.95
CA VAL B 20 -27.46 -16.37 -17.14
C VAL B 20 -26.13 -15.66 -17.30
N PHE B 21 -25.52 -15.29 -16.18
CA PHE B 21 -24.24 -14.61 -16.19
C PHE B 21 -23.23 -15.60 -15.64
N THR B 22 -22.19 -15.88 -16.41
CA THR B 22 -21.16 -16.82 -16.00
C THR B 22 -19.76 -16.24 -15.90
N GLY B 23 -19.01 -16.77 -14.95
CA GLY B 23 -17.64 -16.37 -14.72
C GLY B 23 -16.76 -17.60 -14.92
N ALA B 24 -15.49 -17.49 -14.52
CA ALA B 24 -14.56 -18.60 -14.70
C ALA B 24 -14.96 -19.87 -13.97
N GLY B 25 -15.75 -19.74 -12.91
CA GLY B 25 -16.17 -20.91 -12.16
C GLY B 25 -16.97 -21.96 -12.92
N ILE B 26 -17.69 -21.55 -13.95
CA ILE B 26 -18.49 -22.52 -14.70
C ILE B 26 -17.66 -23.40 -15.63
N SER B 27 -16.39 -23.05 -15.84
CA SER B 27 -15.54 -23.85 -16.72
C SER B 27 -14.45 -24.60 -15.97
N ALA B 28 -14.32 -24.34 -14.66
CA ALA B 28 -13.31 -25.02 -13.87
C ALA B 28 -13.46 -26.54 -14.00
N GLU B 29 -14.69 -27.03 -13.98
CA GLU B 29 -14.92 -28.47 -14.10
C GLU B 29 -14.61 -29.01 -15.49
N SER B 30 -14.37 -28.12 -16.44
CA SER B 30 -14.02 -28.54 -17.79
C SER B 30 -12.51 -28.67 -17.84
N GLY B 31 -11.85 -28.22 -16.78
CA GLY B 31 -10.39 -28.31 -16.72
C GLY B 31 -9.66 -26.96 -16.88
N ILE B 32 -10.40 -25.87 -17.00
CA ILE B 32 -9.78 -24.58 -17.13
C ILE B 32 -9.77 -23.94 -15.75
N PRO B 33 -8.59 -23.88 -15.12
CA PRO B 33 -8.51 -23.29 -13.78
C PRO B 33 -8.86 -21.79 -13.77
N THR B 34 -9.47 -21.35 -12.67
CA THR B 34 -9.82 -19.95 -12.52
C THR B 34 -8.55 -19.20 -12.15
N PHE B 35 -8.68 -17.91 -11.86
CA PHE B 35 -7.55 -17.06 -11.48
C PHE B 35 -7.57 -16.85 -9.98
N ARG B 36 -8.54 -17.45 -9.29
CA ARG B 36 -8.70 -17.28 -7.84
C ARG B 36 -8.36 -18.50 -6.98
N GLY B 37 -8.12 -18.22 -5.70
CA GLY B 37 -7.81 -19.25 -4.73
C GLY B 37 -6.75 -20.24 -5.16
N GLU B 38 -6.98 -21.51 -4.81
CA GLU B 38 -6.05 -22.59 -5.15
C GLU B 38 -5.78 -22.66 -6.64
N ASP B 39 -6.81 -22.51 -7.47
CA ASP B 39 -6.60 -22.53 -8.92
C ASP B 39 -5.58 -21.48 -9.34
N GLY B 40 -5.77 -20.24 -8.88
CA GLY B 40 -4.87 -19.16 -9.22
C GLY B 40 -3.46 -19.43 -8.74
N LEU B 41 -3.35 -20.03 -7.56
CA LEU B 41 -2.06 -20.37 -6.99
C LEU B 41 -1.41 -21.50 -7.80
N TRP B 42 -2.23 -22.46 -8.21
CA TRP B 42 -1.76 -23.59 -9.01
C TRP B 42 -1.25 -23.17 -10.40
N ARG B 43 -1.92 -22.19 -11.01
CA ARG B 43 -1.53 -21.70 -12.33
C ARG B 43 -0.11 -21.15 -12.44
N LYS B 44 0.53 -21.41 -13.58
CA LYS B 44 1.86 -20.88 -13.81
C LYS B 44 1.69 -19.38 -14.05
N TYR B 45 2.68 -18.60 -13.64
CA TYR B 45 2.70 -17.15 -13.83
C TYR B 45 1.61 -16.32 -13.13
N ASP B 46 1.80 -15.00 -13.21
CA ASP B 46 0.88 -14.02 -12.67
C ASP B 46 0.08 -13.57 -13.90
N PRO B 47 -1.26 -13.73 -13.86
CA PRO B 47 -2.12 -13.35 -14.99
C PRO B 47 -1.85 -11.96 -15.60
N GLU B 48 -1.81 -10.93 -14.76
CA GLU B 48 -1.61 -9.57 -15.25
C GLU B 48 -0.31 -9.34 -16.02
N GLU B 49 0.71 -10.14 -15.74
CA GLU B 49 1.98 -9.98 -16.45
C GLU B 49 1.92 -10.66 -17.82
N VAL B 50 1.63 -11.96 -17.84
CA VAL B 50 1.61 -12.72 -19.09
C VAL B 50 0.42 -12.53 -20.00
N ALA B 51 -0.76 -12.28 -19.43
CA ALA B 51 -1.96 -12.12 -20.25
C ALA B 51 -2.38 -10.68 -20.50
N SER B 52 -1.40 -9.78 -20.53
CA SER B 52 -1.67 -8.37 -20.79
C SER B 52 -1.25 -8.16 -22.23
N ILE B 53 -1.62 -7.02 -22.80
CA ILE B 53 -1.25 -6.72 -24.18
C ILE B 53 0.26 -6.62 -24.33
N SER B 54 0.94 -6.06 -23.33
CA SER B 54 2.39 -5.93 -23.44
C SER B 54 3.07 -7.28 -23.19
N GLY B 55 2.48 -8.10 -22.33
CA GLY B 55 3.03 -9.41 -22.06
C GLY B 55 2.95 -10.26 -23.32
N PHE B 56 1.83 -10.15 -24.02
CA PHE B 56 1.61 -10.89 -25.27
C PHE B 56 2.66 -10.52 -26.30
N LYS B 57 2.92 -9.23 -26.44
CA LYS B 57 3.90 -8.74 -27.41
C LYS B 57 5.34 -9.15 -27.09
N ARG B 58 5.72 -9.07 -25.82
CA ARG B 58 7.09 -9.43 -25.45
C ARG B 58 7.36 -10.93 -25.27
N ASN B 59 6.33 -11.69 -24.90
CA ASN B 59 6.51 -13.12 -24.68
C ASN B 59 5.25 -13.90 -25.03
N PRO B 60 4.96 -14.05 -26.35
CA PRO B 60 3.78 -14.78 -26.80
C PRO B 60 3.75 -16.23 -26.33
N ARG B 61 4.91 -16.86 -26.27
CA ARG B 61 5.04 -18.24 -25.82
C ARG B 61 4.52 -18.40 -24.38
N ALA B 62 4.81 -17.44 -23.51
CA ALA B 62 4.36 -17.51 -22.13
C ALA B 62 2.84 -17.29 -22.09
N PHE B 63 2.37 -16.36 -22.93
CA PHE B 63 0.94 -16.06 -23.01
C PHE B 63 0.15 -17.30 -23.41
N TRP B 64 0.61 -18.00 -24.44
CA TRP B 64 -0.09 -19.20 -24.88
C TRP B 64 0.07 -20.33 -23.86
N GLU B 65 1.21 -20.37 -23.18
CA GLU B 65 1.40 -21.42 -22.17
C GLU B 65 0.36 -21.21 -21.08
N PHE B 66 0.20 -19.95 -20.68
CA PHE B 66 -0.75 -19.55 -19.66
C PHE B 66 -2.19 -19.83 -20.08
N SER B 67 -2.54 -19.36 -21.27
CA SER B 67 -3.89 -19.54 -21.81
C SER B 67 -4.33 -20.98 -21.99
N MET B 68 -3.42 -21.83 -22.41
CA MET B 68 -3.73 -23.24 -22.64
C MET B 68 -3.54 -24.15 -21.43
N GLU B 69 -3.23 -23.59 -20.27
CA GLU B 69 -3.01 -24.44 -19.12
C GLU B 69 -4.27 -25.14 -18.66
N MET B 70 -4.18 -26.46 -18.52
CA MET B 70 -5.31 -27.28 -18.09
C MET B 70 -5.02 -27.90 -16.73
N LYS B 71 -6.07 -28.15 -15.96
CA LYS B 71 -5.93 -28.74 -14.63
C LYS B 71 -6.94 -29.87 -14.43
N ASP B 72 -6.43 -31.06 -14.15
CA ASP B 72 -7.26 -32.25 -13.92
C ASP B 72 -7.80 -32.86 -15.19
N LYS B 73 -7.46 -32.24 -16.33
CA LYS B 73 -7.87 -32.73 -17.64
C LYS B 73 -6.85 -32.24 -18.65
N LEU B 74 -6.86 -32.82 -19.86
CA LEU B 74 -5.88 -32.43 -20.87
C LEU B 74 -6.40 -31.49 -21.93
N PHE B 75 -7.71 -31.49 -22.16
CA PHE B 75 -8.31 -30.60 -23.14
C PHE B 75 -9.70 -30.26 -22.65
N ALA B 76 -10.14 -29.05 -22.98
CA ALA B 76 -11.42 -28.58 -22.52
C ALA B 76 -12.60 -28.82 -23.44
N GLU B 77 -13.70 -29.29 -22.84
CA GLU B 77 -14.94 -29.48 -23.55
C GLU B 77 -16.06 -29.06 -22.58
N PRO B 78 -17.24 -28.73 -23.10
CA PRO B 78 -18.36 -28.32 -22.25
C PRO B 78 -18.60 -29.32 -21.11
N ASN B 79 -18.94 -28.83 -19.92
CA ASN B 79 -19.22 -29.73 -18.81
C ASN B 79 -20.75 -29.71 -18.60
N PRO B 80 -21.27 -30.51 -17.65
CA PRO B 80 -22.72 -30.54 -17.42
C PRO B 80 -23.39 -29.17 -17.23
N ALA B 81 -22.67 -28.22 -16.65
CA ALA B 81 -23.23 -26.89 -16.44
C ALA B 81 -23.51 -26.21 -17.78
N HIS B 82 -22.56 -26.26 -18.71
CA HIS B 82 -22.76 -25.64 -20.02
C HIS B 82 -23.97 -26.24 -20.74
N TYR B 83 -24.11 -27.56 -20.70
CA TYR B 83 -25.23 -28.23 -21.35
C TYR B 83 -26.55 -27.90 -20.65
N ALA B 84 -26.53 -27.80 -19.33
CA ALA B 84 -27.73 -27.48 -18.59
C ALA B 84 -28.28 -26.14 -19.06
N ILE B 85 -27.40 -25.15 -19.15
CA ILE B 85 -27.79 -23.81 -19.60
C ILE B 85 -28.27 -23.83 -21.04
N ALA B 86 -27.66 -24.65 -21.88
CA ALA B 86 -28.08 -24.73 -23.29
C ALA B 86 -29.47 -25.37 -23.35
N GLU B 87 -29.73 -26.29 -22.44
CA GLU B 87 -31.03 -26.98 -22.36
C GLU B 87 -32.11 -26.00 -21.94
N LEU B 88 -31.79 -25.14 -20.96
CA LEU B 88 -32.75 -24.17 -20.49
C LEU B 88 -33.17 -23.23 -21.61
N GLU B 89 -32.29 -23.04 -22.59
CA GLU B 89 -32.61 -22.18 -23.72
C GLU B 89 -33.53 -22.95 -24.66
N ARG B 90 -33.26 -24.24 -24.82
CA ARG B 90 -34.07 -25.08 -25.69
C ARG B 90 -35.49 -25.16 -25.12
N MET B 91 -35.61 -25.10 -23.80
CA MET B 91 -36.91 -25.17 -23.14
C MET B 91 -37.65 -23.85 -23.19
N GLY B 92 -37.09 -22.87 -23.87
CA GLY B 92 -37.73 -21.56 -23.98
C GLY B 92 -37.69 -20.74 -22.70
N ILE B 93 -36.78 -21.09 -21.79
CA ILE B 93 -36.66 -20.36 -20.54
C ILE B 93 -35.52 -19.32 -20.60
N VAL B 94 -34.29 -19.79 -20.84
CA VAL B 94 -33.15 -18.88 -20.93
C VAL B 94 -33.07 -18.26 -22.32
N LYS B 95 -32.93 -16.94 -22.38
CA LYS B 95 -32.87 -16.23 -23.65
C LYS B 95 -31.51 -15.60 -23.92
N ALA B 96 -30.61 -15.64 -22.94
CA ALA B 96 -29.29 -15.06 -23.15
C ALA B 96 -28.26 -15.46 -22.11
N VAL B 97 -27.02 -15.61 -22.57
CA VAL B 97 -25.92 -15.94 -21.68
C VAL B 97 -24.94 -14.78 -21.77
N ILE B 98 -24.61 -14.19 -20.63
CA ILE B 98 -23.64 -13.10 -20.57
C ILE B 98 -22.44 -13.75 -19.89
N THR B 99 -21.31 -13.72 -20.55
CA THR B 99 -20.13 -14.35 -19.99
C THR B 99 -18.87 -13.50 -20.13
N GLN B 100 -17.92 -13.78 -19.25
CA GLN B 100 -16.62 -13.11 -19.25
C GLN B 100 -15.57 -14.14 -19.68
N ASN B 101 -16.03 -15.37 -19.92
CA ASN B 101 -15.17 -16.46 -20.36
C ASN B 101 -14.86 -16.33 -21.86
N ILE B 102 -13.68 -16.78 -22.26
CA ILE B 102 -13.27 -16.69 -23.65
C ILE B 102 -13.09 -18.08 -24.27
N ASP B 103 -13.46 -19.11 -23.52
CA ASP B 103 -13.29 -20.49 -23.95
C ASP B 103 -14.30 -21.05 -24.95
N MET B 104 -15.33 -20.28 -25.28
CA MET B 104 -16.33 -20.73 -26.26
C MET B 104 -17.14 -21.96 -25.82
N LEU B 105 -16.97 -22.39 -24.59
CA LEU B 105 -17.68 -23.58 -24.13
C LEU B 105 -19.21 -23.48 -24.20
N HIS B 106 -19.76 -22.29 -24.02
CA HIS B 106 -21.21 -22.09 -24.08
C HIS B 106 -21.73 -22.39 -25.49
N GLN B 107 -21.08 -21.82 -26.52
CA GLN B 107 -21.50 -22.06 -27.90
C GLN B 107 -21.33 -23.53 -28.25
N ARG B 108 -20.24 -24.12 -27.80
CA ARG B 108 -20.01 -25.53 -28.06
C ARG B 108 -21.09 -26.40 -27.42
N ALA B 109 -21.64 -25.94 -26.31
CA ALA B 109 -22.69 -26.69 -25.60
C ALA B 109 -24.05 -26.52 -26.29
N GLY B 110 -24.15 -25.55 -27.20
CA GLY B 110 -25.39 -25.33 -27.92
C GLY B 110 -26.15 -24.04 -27.62
N SER B 111 -25.63 -23.20 -26.74
CA SER B 111 -26.30 -21.94 -26.44
C SER B 111 -26.23 -21.10 -27.69
N ARG B 112 -27.34 -20.46 -28.05
CA ARG B 112 -27.37 -19.64 -29.25
C ARG B 112 -27.05 -18.18 -28.97
N ARG B 113 -27.63 -17.59 -27.93
CA ARG B 113 -27.30 -16.20 -27.64
C ARG B 113 -26.30 -16.11 -26.48
N VAL B 114 -25.09 -15.66 -26.81
CA VAL B 114 -24.00 -15.52 -25.85
C VAL B 114 -23.32 -14.18 -26.02
N LEU B 115 -23.42 -13.31 -25.01
CA LEU B 115 -22.76 -12.01 -25.08
C LEU B 115 -21.40 -12.19 -24.44
N GLU B 116 -20.35 -12.06 -25.24
CA GLU B 116 -18.99 -12.25 -24.77
C GLU B 116 -18.32 -10.92 -24.42
N LEU B 117 -18.42 -10.58 -23.14
CA LEU B 117 -17.86 -9.35 -22.59
C LEU B 117 -16.36 -9.23 -22.82
N HIS B 118 -15.65 -10.35 -22.89
CA HIS B 118 -14.20 -10.34 -23.10
C HIS B 118 -13.78 -10.94 -24.44
N GLY B 119 -14.73 -11.07 -25.36
CA GLY B 119 -14.42 -11.65 -26.65
C GLY B 119 -14.20 -13.15 -26.51
N SER B 120 -13.43 -13.74 -27.42
CA SER B 120 -13.16 -15.16 -27.34
C SER B 120 -12.02 -15.57 -28.28
N MET B 121 -11.55 -16.80 -28.08
CA MET B 121 -10.45 -17.36 -28.86
C MET B 121 -10.89 -17.86 -30.24
N ASP B 122 -12.19 -17.81 -30.51
CA ASP B 122 -12.72 -18.29 -31.77
C ASP B 122 -12.06 -17.65 -33.00
N LYS B 123 -11.64 -16.41 -32.89
CA LYS B 123 -10.99 -15.71 -34.00
C LYS B 123 -9.67 -15.13 -33.56
N LEU B 124 -8.74 -14.97 -34.49
CA LEU B 124 -7.43 -14.39 -34.18
C LEU B 124 -7.05 -13.43 -35.30
N ASP B 125 -6.23 -12.44 -34.97
CA ASP B 125 -5.80 -11.44 -35.93
C ASP B 125 -4.29 -11.22 -35.89
N CYS B 126 -3.65 -11.25 -37.05
CA CYS B 126 -2.23 -10.94 -37.06
C CYS B 126 -2.21 -9.43 -36.88
N LEU B 127 -1.57 -8.95 -35.82
CA LEU B 127 -1.52 -7.51 -35.57
C LEU B 127 -0.64 -6.74 -36.56
N ASP B 128 0.12 -7.47 -37.38
CA ASP B 128 1.01 -6.85 -38.35
C ASP B 128 0.42 -6.66 -39.74
N CYS B 129 -0.09 -7.74 -40.34
CA CYS B 129 -0.65 -7.66 -41.69
C CYS B 129 -2.18 -7.77 -41.70
N HIS B 130 -2.77 -8.01 -40.54
CA HIS B 130 -4.22 -8.09 -40.39
C HIS B 130 -4.92 -9.30 -40.95
N GLU B 131 -4.17 -10.34 -41.33
CA GLU B 131 -4.81 -11.55 -41.81
C GLU B 131 -5.64 -12.07 -40.61
N THR B 132 -6.86 -12.53 -40.88
CA THR B 132 -7.74 -13.06 -39.83
C THR B 132 -7.74 -14.59 -39.86
N TYR B 133 -7.92 -15.23 -38.71
CA TYR B 133 -7.92 -16.69 -38.64
C TYR B 133 -8.98 -17.30 -37.72
N ASP B 134 -9.35 -18.53 -38.02
CA ASP B 134 -10.29 -19.26 -37.20
C ASP B 134 -9.41 -20.08 -36.25
N TRP B 135 -9.91 -20.34 -35.05
CA TRP B 135 -9.16 -21.12 -34.07
C TRP B 135 -8.82 -22.49 -34.63
N SER B 136 -9.74 -23.05 -35.40
CA SER B 136 -9.53 -24.37 -35.98
C SER B 136 -8.25 -24.44 -36.81
N GLU B 137 -7.86 -23.33 -37.41
CA GLU B 137 -6.68 -23.31 -38.25
C GLU B 137 -5.35 -23.47 -37.56
N PHE B 138 -5.32 -23.39 -36.23
CA PHE B 138 -4.07 -23.55 -35.50
C PHE B 138 -4.02 -24.81 -34.65
N VAL B 139 -5.07 -25.61 -34.70
CA VAL B 139 -5.14 -26.85 -33.92
C VAL B 139 -3.92 -27.73 -34.16
N GLU B 140 -3.61 -27.98 -35.42
CA GLU B 140 -2.47 -28.84 -35.73
C GLU B 140 -1.18 -28.24 -35.18
N ASP B 141 -1.00 -26.93 -35.35
CA ASP B 141 0.21 -26.26 -34.86
C ASP B 141 0.42 -26.48 -33.37
N PHE B 142 -0.64 -26.34 -32.58
CA PHE B 142 -0.53 -26.54 -31.13
C PHE B 142 -0.18 -27.99 -30.84
N ASN B 143 -0.80 -28.91 -31.57
CA ASN B 143 -0.52 -30.33 -31.39
C ASN B 143 0.94 -30.68 -31.70
N LYS B 144 1.58 -29.89 -32.54
CA LYS B 144 2.96 -30.13 -32.88
C LYS B 144 3.89 -29.37 -31.94
N GLY B 145 3.30 -28.70 -30.95
CA GLY B 145 4.09 -27.96 -29.98
C GLY B 145 4.46 -26.53 -30.34
N GLU B 146 3.84 -25.97 -31.37
CA GLU B 146 4.14 -24.59 -31.79
C GLU B 146 3.05 -23.63 -31.33
N ILE B 147 3.30 -22.33 -31.55
CA ILE B 147 2.32 -21.31 -31.22
C ILE B 147 1.87 -20.67 -32.53
N PRO B 148 0.66 -20.11 -32.56
CA PRO B 148 0.17 -19.49 -33.81
C PRO B 148 1.20 -18.57 -34.44
N ARG B 149 1.28 -18.63 -35.76
CA ARG B 149 2.21 -17.79 -36.50
C ARG B 149 1.53 -17.44 -37.82
N CYS B 150 1.49 -16.16 -38.16
CA CYS B 150 0.84 -15.75 -39.39
C CYS B 150 1.45 -16.43 -40.59
N ARG B 151 0.63 -17.13 -41.37
CA ARG B 151 1.09 -17.81 -42.57
C ARG B 151 1.37 -16.83 -43.70
N LYS B 152 0.87 -15.61 -43.59
CA LYS B 152 1.06 -14.62 -44.63
C LYS B 152 2.30 -13.74 -44.46
N CYS B 153 2.61 -13.33 -43.24
CA CYS B 153 3.78 -12.47 -43.03
C CYS B 153 4.83 -13.01 -42.05
N GLY B 154 4.53 -14.15 -41.42
CA GLY B 154 5.48 -14.75 -40.49
C GLY B 154 5.51 -14.23 -39.05
N SER B 155 4.69 -13.22 -38.76
CA SER B 155 4.65 -12.64 -37.42
C SER B 155 4.09 -13.61 -36.38
N TYR B 156 4.50 -13.42 -35.14
CA TYR B 156 4.02 -14.24 -34.04
C TYR B 156 3.00 -13.44 -33.24
N TYR B 157 2.59 -12.32 -33.81
CA TYR B 157 1.62 -11.44 -33.19
C TYR B 157 0.19 -11.83 -33.59
N VAL B 158 -0.11 -13.12 -33.58
CA VAL B 158 -1.46 -13.56 -33.93
C VAL B 158 -2.28 -13.54 -32.64
N LYS B 159 -2.88 -12.38 -32.36
CA LYS B 159 -3.64 -12.17 -31.14
C LYS B 159 -5.08 -12.68 -31.17
N PRO B 160 -5.44 -13.57 -30.24
CA PRO B 160 -6.83 -14.04 -30.28
C PRO B 160 -7.70 -12.82 -30.00
N ARG B 161 -8.92 -12.81 -30.51
CA ARG B 161 -9.83 -11.68 -30.36
C ARG B 161 -10.48 -11.61 -28.97
N VAL B 162 -9.64 -11.47 -27.95
CA VAL B 162 -10.11 -11.41 -26.58
C VAL B 162 -9.62 -10.11 -25.93
N VAL B 163 -10.17 -9.82 -24.77
CA VAL B 163 -9.77 -8.63 -24.02
C VAL B 163 -8.65 -8.98 -23.07
N LEU B 164 -7.47 -8.43 -23.32
CA LEU B 164 -6.33 -8.72 -22.45
C LEU B 164 -6.24 -7.65 -21.37
N PHE B 165 -5.52 -7.96 -20.29
CA PHE B 165 -5.33 -6.99 -19.22
C PHE B 165 -4.66 -5.80 -19.88
N GLY B 166 -5.03 -4.59 -19.45
CA GLY B 166 -4.42 -3.42 -20.04
C GLY B 166 -5.19 -2.91 -21.25
N GLU B 167 -6.23 -3.64 -21.65
CA GLU B 167 -7.07 -3.23 -22.77
C GLU B 167 -8.43 -2.85 -22.21
N PRO B 168 -9.08 -1.86 -22.81
CA PRO B 168 -10.41 -1.43 -22.34
C PRO B 168 -11.47 -2.49 -22.63
N LEU B 169 -12.55 -2.46 -21.87
CA LEU B 169 -13.64 -3.40 -22.04
C LEU B 169 -14.46 -2.98 -23.27
N PRO B 170 -14.94 -3.94 -24.07
CA PRO B 170 -15.73 -3.60 -25.26
C PRO B 170 -16.98 -2.83 -24.82
N GLN B 171 -17.12 -1.58 -25.28
CA GLN B 171 -18.24 -0.75 -24.90
C GLN B 171 -19.61 -1.12 -25.47
N ARG B 172 -19.69 -1.49 -26.74
CA ARG B 172 -20.99 -1.87 -27.30
C ARG B 172 -21.51 -3.17 -26.70
N THR B 173 -20.64 -4.15 -26.54
CA THR B 173 -21.06 -5.41 -25.96
C THR B 173 -21.45 -5.17 -24.51
N LEU B 174 -20.81 -4.20 -23.86
CA LEU B 174 -21.15 -3.89 -22.48
C LEU B 174 -22.57 -3.32 -22.39
N PHE B 175 -22.90 -2.38 -23.29
CA PHE B 175 -24.23 -1.77 -23.30
C PHE B 175 -25.31 -2.78 -23.61
N GLU B 176 -25.01 -3.75 -24.46
CA GLU B 176 -26.00 -4.77 -24.79
C GLU B 176 -26.25 -5.67 -23.57
N ALA B 177 -25.21 -5.88 -22.76
CA ALA B 177 -25.36 -6.70 -21.57
C ALA B 177 -26.20 -5.98 -20.51
N ILE B 178 -25.99 -4.67 -20.38
CA ILE B 178 -26.76 -3.87 -19.44
C ILE B 178 -28.24 -3.90 -19.83
N GLU B 179 -28.51 -3.74 -21.12
CA GLU B 179 -29.88 -3.76 -21.64
C GLU B 179 -30.50 -5.12 -21.40
N GLU B 180 -29.68 -6.15 -21.49
CA GLU B 180 -30.13 -7.53 -21.29
C GLU B 180 -30.60 -7.66 -19.85
N ALA B 181 -29.83 -7.12 -18.91
CA ALA B 181 -30.19 -7.20 -17.50
C ALA B 181 -31.46 -6.39 -17.19
N LYS B 182 -31.63 -5.25 -17.87
CA LYS B 182 -32.79 -4.40 -17.64
C LYS B 182 -34.14 -4.95 -18.10
N HIS B 183 -34.15 -6.00 -18.93
CA HIS B 183 -35.44 -6.50 -19.35
C HIS B 183 -35.67 -7.99 -19.13
N CYS B 184 -34.77 -8.65 -18.41
CA CYS B 184 -34.95 -10.07 -18.13
C CYS B 184 -35.95 -10.19 -16.99
N ASP B 185 -36.44 -11.40 -16.73
CA ASP B 185 -37.39 -11.61 -15.65
C ASP B 185 -36.81 -12.56 -14.60
N ALA B 186 -35.59 -13.02 -14.86
CA ALA B 186 -34.84 -13.90 -13.98
C ALA B 186 -33.38 -13.70 -14.38
N PHE B 187 -32.51 -13.54 -13.39
CA PHE B 187 -31.10 -13.30 -13.63
C PHE B 187 -30.35 -14.30 -12.74
N MET B 188 -29.64 -15.24 -13.36
CA MET B 188 -28.91 -16.25 -12.60
C MET B 188 -27.41 -16.20 -12.82
N VAL B 189 -26.67 -16.00 -11.72
CA VAL B 189 -25.21 -15.96 -11.75
C VAL B 189 -24.67 -17.37 -11.52
N VAL B 190 -23.72 -17.80 -12.33
CA VAL B 190 -23.14 -19.13 -12.19
C VAL B 190 -21.62 -19.09 -12.35
N GLY B 191 -20.91 -19.38 -11.26
CA GLY B 191 -19.46 -19.40 -11.31
C GLY B 191 -18.77 -18.07 -11.39
N SER B 192 -19.30 -17.08 -10.69
CA SER B 192 -18.69 -15.75 -10.67
C SER B 192 -18.71 -15.19 -9.26
N SER B 193 -17.61 -14.55 -8.88
CA SER B 193 -17.48 -13.95 -7.56
C SER B 193 -18.01 -12.52 -7.65
N LEU B 194 -18.46 -12.15 -8.85
CA LEU B 194 -19.00 -10.82 -9.07
C LEU B 194 -17.99 -9.74 -8.65
N VAL B 195 -16.76 -9.88 -9.11
CA VAL B 195 -15.72 -8.92 -8.78
C VAL B 195 -15.28 -8.10 -9.98
N VAL B 196 -15.09 -8.78 -11.11
CA VAL B 196 -14.64 -8.10 -12.33
C VAL B 196 -15.76 -7.35 -13.03
N TYR B 197 -15.63 -6.01 -13.06
CA TYR B 197 -16.62 -5.16 -13.70
C TYR B 197 -17.02 -5.71 -15.06
N PRO B 198 -18.32 -5.71 -15.39
CA PRO B 198 -19.45 -5.23 -14.58
C PRO B 198 -20.18 -6.35 -13.85
N ALA B 199 -19.47 -7.41 -13.51
CA ALA B 199 -20.09 -8.55 -12.82
C ALA B 199 -20.80 -8.15 -11.53
N ALA B 200 -20.31 -7.10 -10.87
CA ALA B 200 -20.92 -6.66 -9.61
C ALA B 200 -22.06 -5.68 -9.84
N GLU B 201 -22.14 -5.10 -11.03
CA GLU B 201 -23.18 -4.15 -11.34
C GLU B 201 -24.43 -4.79 -11.94
N LEU B 202 -24.23 -5.69 -12.90
CA LEU B 202 -25.32 -6.37 -13.59
C LEU B 202 -26.42 -6.95 -12.68
N PRO B 203 -26.05 -7.63 -11.59
CA PRO B 203 -27.10 -8.19 -10.72
C PRO B 203 -27.99 -7.10 -10.12
N TYR B 204 -27.39 -5.97 -9.73
CA TYR B 204 -28.15 -4.87 -9.15
C TYR B 204 -29.08 -4.25 -10.18
N ILE B 205 -28.59 -4.15 -11.42
CA ILE B 205 -29.40 -3.59 -12.49
C ILE B 205 -30.61 -4.48 -12.76
N ALA B 206 -30.41 -5.79 -12.70
CA ALA B 206 -31.51 -6.72 -12.95
C ALA B 206 -32.50 -6.67 -11.79
N LYS B 207 -31.99 -6.56 -10.57
CA LYS B 207 -32.86 -6.52 -9.40
C LYS B 207 -33.75 -5.27 -9.47
N LYS B 208 -33.17 -4.14 -9.84
CA LYS B 208 -33.94 -2.90 -9.94
C LYS B 208 -35.06 -3.02 -10.96
N ALA B 209 -34.82 -3.83 -12.00
CA ALA B 209 -35.80 -4.03 -13.06
C ALA B 209 -36.88 -5.03 -12.66
N GLY B 210 -36.76 -5.61 -11.48
CA GLY B 210 -37.76 -6.55 -11.00
C GLY B 210 -37.50 -8.03 -11.23
N ALA B 211 -36.30 -8.37 -11.65
CA ALA B 211 -35.97 -9.76 -11.89
C ALA B 211 -35.84 -10.59 -10.63
N LYS B 212 -36.14 -11.88 -10.75
CA LYS B 212 -35.97 -12.82 -9.64
C LYS B 212 -34.49 -13.17 -9.76
N MET B 213 -33.78 -13.25 -8.63
CA MET B 213 -32.34 -13.51 -8.66
C MET B 213 -31.84 -14.83 -8.04
N ILE B 214 -30.99 -15.52 -8.79
CA ILE B 214 -30.40 -16.77 -8.37
C ILE B 214 -28.88 -16.73 -8.52
N ILE B 215 -28.16 -17.29 -7.55
CA ILE B 215 -26.71 -17.37 -7.63
C ILE B 215 -26.21 -18.77 -7.22
N VAL B 216 -25.41 -19.36 -8.09
CA VAL B 216 -24.80 -20.68 -7.91
C VAL B 216 -23.29 -20.42 -7.99
N ASN B 217 -22.59 -20.66 -6.89
CA ASN B 217 -21.16 -20.39 -6.87
C ASN B 217 -20.49 -21.28 -5.84
N ALA B 218 -19.19 -21.53 -6.00
CA ALA B 218 -18.47 -22.38 -5.07
C ALA B 218 -18.24 -21.70 -3.73
N GLU B 219 -18.30 -20.37 -3.70
CA GLU B 219 -18.10 -19.64 -2.47
C GLU B 219 -19.05 -18.46 -2.40
N PRO B 220 -19.25 -17.90 -1.20
CA PRO B 220 -20.16 -16.76 -1.11
C PRO B 220 -19.53 -15.52 -1.71
N THR B 221 -20.37 -14.61 -2.20
CA THR B 221 -19.90 -13.37 -2.78
C THR B 221 -20.45 -12.23 -1.94
N MET B 222 -19.91 -11.04 -2.19
CA MET B 222 -20.30 -9.83 -1.49
C MET B 222 -21.75 -9.45 -1.76
N ALA B 223 -22.26 -9.79 -2.94
CA ALA B 223 -23.62 -9.44 -3.30
C ALA B 223 -24.64 -10.53 -2.93
N ASP B 224 -24.18 -11.62 -2.34
CA ASP B 224 -25.06 -12.73 -1.94
C ASP B 224 -26.40 -12.29 -1.34
N PRO B 225 -26.39 -11.33 -0.42
CA PRO B 225 -27.63 -10.87 0.21
C PRO B 225 -28.78 -10.46 -0.69
N ILE B 226 -28.47 -9.84 -1.84
CA ILE B 226 -29.55 -9.39 -2.74
C ILE B 226 -30.21 -10.47 -3.59
N PHE B 227 -29.63 -11.65 -3.64
CA PHE B 227 -30.22 -12.73 -4.41
C PHE B 227 -31.36 -13.40 -3.63
N ASP B 228 -32.40 -13.82 -4.35
CA ASP B 228 -33.53 -14.49 -3.72
C ASP B 228 -33.17 -15.92 -3.38
N VAL B 229 -32.29 -16.51 -4.17
CA VAL B 229 -31.86 -17.89 -3.96
C VAL B 229 -30.34 -18.01 -4.06
N LYS B 230 -29.73 -18.53 -3.00
CA LYS B 230 -28.28 -18.70 -2.95
C LYS B 230 -27.93 -20.16 -2.84
N ILE B 231 -27.06 -20.62 -3.73
CA ILE B 231 -26.64 -22.01 -3.73
C ILE B 231 -25.12 -22.13 -3.77
N ILE B 232 -24.56 -22.78 -2.75
CA ILE B 232 -23.11 -23.00 -2.67
C ILE B 232 -22.84 -24.39 -3.22
N GLY B 233 -21.98 -24.49 -4.23
CA GLY B 233 -21.67 -25.78 -4.81
C GLY B 233 -20.97 -25.66 -6.16
N LYS B 234 -20.64 -26.80 -6.75
CA LYS B 234 -20.00 -26.81 -8.06
C LYS B 234 -21.05 -26.67 -9.13
N ALA B 235 -20.82 -25.76 -10.08
CA ALA B 235 -21.77 -25.53 -11.15
C ALA B 235 -22.14 -26.82 -11.88
N GLY B 236 -21.14 -27.63 -12.20
CA GLY B 236 -21.39 -28.86 -12.91
C GLY B 236 -22.32 -29.85 -12.21
N GLU B 237 -22.42 -29.76 -10.89
CA GLU B 237 -23.27 -30.68 -10.14
C GLU B 237 -24.64 -30.08 -9.82
N VAL B 238 -24.65 -28.77 -9.59
CA VAL B 238 -25.89 -28.09 -9.26
C VAL B 238 -26.82 -27.82 -10.45
N LEU B 239 -26.28 -27.24 -11.53
CA LEU B 239 -27.10 -26.91 -12.69
C LEU B 239 -27.95 -28.05 -13.28
N PRO B 240 -27.37 -29.24 -13.44
CA PRO B 240 -28.25 -30.29 -14.00
C PRO B 240 -29.38 -30.68 -13.04
N LYS B 241 -29.13 -30.56 -11.74
CA LYS B 241 -30.16 -30.89 -10.76
C LYS B 241 -31.30 -29.89 -10.86
N ILE B 242 -30.94 -28.63 -11.12
CA ILE B 242 -31.94 -27.58 -11.27
C ILE B 242 -32.78 -27.87 -12.51
N VAL B 243 -32.13 -28.19 -13.63
CA VAL B 243 -32.86 -28.47 -14.86
C VAL B 243 -33.80 -29.68 -14.72
N GLU B 244 -33.35 -30.74 -14.04
CA GLU B 244 -34.19 -31.93 -13.86
C GLU B 244 -35.44 -31.53 -13.10
N GLU B 245 -35.28 -30.66 -12.09
CA GLU B 245 -36.40 -30.19 -11.29
C GLU B 245 -37.34 -29.35 -12.14
N VAL B 246 -36.77 -28.50 -13.00
CA VAL B 246 -37.59 -27.66 -13.87
C VAL B 246 -38.41 -28.52 -14.82
N LYS B 247 -37.85 -29.62 -15.27
CA LYS B 247 -38.56 -30.51 -16.18
C LYS B 247 -39.69 -31.21 -15.43
N ARG B 248 -39.47 -31.48 -14.14
CA ARG B 248 -40.49 -32.13 -13.31
C ARG B 248 -41.66 -31.18 -13.08
N LEU B 249 -41.35 -29.93 -12.75
CA LEU B 249 -42.37 -28.93 -12.49
C LEU B 249 -43.25 -28.68 -13.70
N ARG B 250 -42.69 -28.84 -14.89
CA ARG B 250 -43.42 -28.63 -16.13
C ARG B 250 -44.17 -29.90 -16.55
N SER B 251 -43.80 -31.02 -15.94
CA SER B 251 -44.44 -32.29 -16.25
C SER B 251 -45.94 -32.25 -15.94
N GLU B 252 -46.33 -31.31 -15.09
CA GLU B 252 -47.73 -31.14 -14.71
C GLU B 252 -47.88 -29.93 -13.77
N MET C 1 -22.44 33.06 -32.21
CA MET C 1 -22.24 34.54 -32.06
C MET C 1 -22.41 34.96 -30.60
N GLU C 2 -22.81 36.21 -30.40
CA GLU C 2 -23.04 36.75 -29.06
C GLU C 2 -24.38 36.20 -28.59
N ASP C 3 -25.23 35.84 -29.55
CA ASP C 3 -26.55 35.29 -29.25
C ASP C 3 -26.47 34.00 -28.45
N GLU C 4 -25.54 33.13 -28.81
CA GLU C 4 -25.36 31.86 -28.10
C GLU C 4 -24.93 32.14 -26.66
N ILE C 5 -24.08 33.16 -26.48
CA ILE C 5 -23.61 33.54 -25.16
C ILE C 5 -24.78 34.07 -24.34
N ARG C 6 -25.71 34.71 -25.02
CA ARG C 6 -26.90 35.26 -24.38
C ARG C 6 -27.73 34.13 -23.78
N LYS C 7 -28.04 33.13 -24.60
CA LYS C 7 -28.83 32.00 -24.16
C LYS C 7 -28.15 31.19 -23.06
N ALA C 8 -26.82 31.12 -23.10
CA ALA C 8 -26.09 30.39 -22.09
C ALA C 8 -26.26 31.12 -20.76
N ALA C 9 -26.05 32.43 -20.82
CA ALA C 9 -26.17 33.28 -19.65
C ALA C 9 -27.58 33.26 -19.08
N GLU C 10 -28.59 33.16 -19.95
CA GLU C 10 -29.98 33.13 -19.50
C GLU C 10 -30.30 31.83 -18.77
N ILE C 11 -29.69 30.72 -19.19
CA ILE C 11 -29.91 29.44 -18.55
C ILE C 11 -29.26 29.42 -17.17
N LEU C 12 -28.05 29.96 -17.07
CA LEU C 12 -27.32 30.00 -15.81
C LEU C 12 -27.96 30.92 -14.77
N ALA C 13 -28.40 32.09 -15.21
CA ALA C 13 -29.02 33.08 -14.34
C ALA C 13 -30.16 32.49 -13.50
N LYS C 14 -30.88 31.53 -14.06
CA LYS C 14 -31.99 30.91 -13.33
C LYS C 14 -31.69 29.50 -12.85
N SER C 15 -30.43 29.24 -12.52
CA SER C 15 -30.02 27.93 -12.02
C SER C 15 -29.40 28.13 -10.65
N LYS C 16 -29.58 27.16 -9.75
CA LYS C 16 -28.99 27.28 -8.43
C LYS C 16 -28.14 26.07 -8.05
N HIS C 17 -27.98 25.14 -8.99
CA HIS C 17 -27.17 23.97 -8.74
C HIS C 17 -26.52 23.51 -10.05
N ALA C 18 -25.88 24.46 -10.72
CA ALA C 18 -25.21 24.18 -11.99
C ALA C 18 -23.92 23.41 -11.75
N VAL C 19 -23.54 22.62 -12.74
CA VAL C 19 -22.33 21.82 -12.69
C VAL C 19 -21.51 22.12 -13.93
N VAL C 20 -20.20 22.17 -13.76
CA VAL C 20 -19.32 22.45 -14.88
C VAL C 20 -18.31 21.31 -15.02
N PHE C 21 -18.20 20.76 -16.23
CA PHE C 21 -17.28 19.67 -16.53
C PHE C 21 -16.18 20.25 -17.41
N THR C 22 -14.94 20.11 -16.99
CA THR C 22 -13.84 20.67 -17.77
C THR C 22 -12.77 19.64 -18.14
N GLY C 23 -12.15 19.86 -19.29
CA GLY C 23 -11.09 18.98 -19.76
C GLY C 23 -9.85 19.83 -19.99
N ALA C 24 -8.87 19.27 -20.68
CA ALA C 24 -7.61 19.97 -20.96
C ALA C 24 -7.83 21.33 -21.64
N GLY C 25 -8.91 21.43 -22.40
CA GLY C 25 -9.21 22.66 -23.09
C GLY C 25 -9.19 23.91 -22.23
N ILE C 26 -9.81 23.85 -21.06
CA ILE C 26 -9.88 25.00 -20.18
C ILE C 26 -8.54 25.49 -19.62
N SER C 27 -7.49 24.67 -19.73
CA SER C 27 -6.17 25.08 -19.23
C SER C 27 -5.16 25.38 -20.33
N ALA C 28 -5.56 25.26 -21.60
CA ALA C 28 -4.64 25.54 -22.68
C ALA C 28 -4.19 26.99 -22.64
N GLU C 29 -5.07 27.89 -22.21
CA GLU C 29 -4.74 29.31 -22.15
C GLU C 29 -3.96 29.67 -20.88
N SER C 30 -3.41 28.65 -20.23
CA SER C 30 -2.61 28.83 -19.03
C SER C 30 -1.22 28.28 -19.30
N GLY C 31 -0.99 27.85 -20.54
CA GLY C 31 0.30 27.32 -20.91
C GLY C 31 0.41 25.81 -20.88
N ILE C 32 -0.65 25.13 -20.45
CA ILE C 32 -0.61 23.67 -20.40
C ILE C 32 -1.26 23.11 -21.68
N PRO C 33 -0.44 22.61 -22.60
CA PRO C 33 -0.98 22.07 -23.84
C PRO C 33 -1.83 20.81 -23.62
N THR C 34 -2.81 20.60 -24.48
CA THR C 34 -3.66 19.42 -24.39
C THR C 34 -2.87 18.27 -25.00
N PHE C 35 -3.54 17.14 -25.23
CA PHE C 35 -2.90 15.97 -25.85
C PHE C 35 -3.38 15.88 -27.30
N ARG C 36 -4.18 16.84 -27.73
CA ARG C 36 -4.75 16.84 -29.07
C ARG C 36 -4.15 17.82 -30.09
N GLY C 37 -4.43 17.54 -31.37
CA GLY C 37 -3.97 18.39 -32.46
C GLY C 37 -2.51 18.81 -32.38
N GLU C 38 -2.25 20.07 -32.66
CA GLU C 38 -0.88 20.60 -32.61
C GLU C 38 -0.22 20.40 -31.24
N ASP C 39 -1.00 20.52 -30.15
CA ASP C 39 -0.43 20.32 -28.83
C ASP C 39 0.13 18.91 -28.70
N GLY C 40 -0.63 17.91 -29.16
CA GLY C 40 -0.16 16.54 -29.08
C GLY C 40 1.12 16.39 -29.90
N LEU C 41 1.20 17.12 -31.00
CA LEU C 41 2.35 17.09 -31.89
C LEU C 41 3.53 17.75 -31.16
N TRP C 42 3.25 18.88 -30.52
CA TRP C 42 4.25 19.64 -29.79
C TRP C 42 4.97 18.74 -28.78
N ARG C 43 4.20 18.11 -27.89
CA ARG C 43 4.77 17.23 -26.88
C ARG C 43 5.61 16.16 -27.57
N LYS C 44 6.75 15.83 -26.97
CA LYS C 44 7.66 14.84 -27.55
C LYS C 44 7.22 13.39 -27.34
N TYR C 45 7.10 13.00 -26.07
CA TYR C 45 6.72 11.63 -25.73
C TYR C 45 5.23 11.38 -25.91
N ASP C 46 4.87 10.10 -25.96
CA ASP C 46 3.47 9.68 -26.10
C ASP C 46 2.96 9.48 -24.67
N PRO C 47 1.88 10.16 -24.30
CA PRO C 47 1.32 10.03 -22.95
C PRO C 47 1.06 8.60 -22.49
N GLU C 48 0.65 7.73 -23.41
CA GLU C 48 0.37 6.33 -23.06
C GLU C 48 1.65 5.56 -22.80
N GLU C 49 2.76 6.05 -23.33
CA GLU C 49 4.03 5.38 -23.13
C GLU C 49 4.70 5.86 -21.85
N VAL C 50 5.04 7.14 -21.78
CA VAL C 50 5.72 7.70 -20.62
C VAL C 50 4.88 8.03 -19.41
N ALA C 51 3.55 8.10 -19.58
CA ALA C 51 2.68 8.43 -18.46
C ALA C 51 1.81 7.27 -17.98
N SER C 52 2.36 6.06 -18.05
CA SER C 52 1.65 4.88 -17.59
C SER C 52 2.38 4.45 -16.32
N ILE C 53 1.78 3.57 -15.53
CA ILE C 53 2.43 3.13 -14.31
C ILE C 53 3.71 2.40 -14.66
N SER C 54 3.75 1.81 -15.85
CA SER C 54 4.93 1.08 -16.33
C SER C 54 6.02 2.07 -16.73
N GLY C 55 5.66 3.04 -17.55
CA GLY C 55 6.62 4.04 -17.98
C GLY C 55 7.22 4.75 -16.76
N PHE C 56 6.37 5.11 -15.80
CA PHE C 56 6.86 5.80 -14.61
C PHE C 56 7.99 5.03 -13.93
N LYS C 57 7.82 3.71 -13.80
CA LYS C 57 8.81 2.87 -13.16
C LYS C 57 10.07 2.68 -14.01
N ARG C 58 9.88 2.39 -15.29
CA ARG C 58 11.02 2.18 -16.19
C ARG C 58 11.83 3.46 -16.40
N ASN C 59 11.16 4.61 -16.31
CA ASN C 59 11.86 5.88 -16.53
C ASN C 59 11.15 7.08 -15.89
N PRO C 60 11.24 7.19 -14.56
CA PRO C 60 10.60 8.31 -13.86
C PRO C 60 10.99 9.70 -14.33
N ARG C 61 12.23 9.86 -14.79
CA ARG C 61 12.70 11.15 -15.25
C ARG C 61 11.91 11.64 -16.46
N ALA C 62 11.67 10.75 -17.41
CA ALA C 62 10.92 11.09 -18.61
C ALA C 62 9.48 11.46 -18.22
N PHE C 63 8.91 10.72 -17.29
CA PHE C 63 7.55 11.00 -16.85
C PHE C 63 7.44 12.44 -16.33
N TRP C 64 8.40 12.85 -15.50
CA TRP C 64 8.35 14.21 -14.97
C TRP C 64 8.59 15.27 -16.04
N GLU C 65 9.55 15.03 -16.93
CA GLU C 65 9.83 15.98 -18.00
C GLU C 65 8.57 16.19 -18.84
N PHE C 66 7.87 15.10 -19.13
CA PHE C 66 6.63 15.17 -19.91
C PHE C 66 5.51 15.88 -19.16
N SER C 67 5.33 15.53 -17.90
CA SER C 67 4.26 16.10 -17.08
C SER C 67 4.44 17.57 -16.75
N MET C 68 5.69 18.01 -16.59
CA MET C 68 5.94 19.40 -16.25
C MET C 68 6.10 20.35 -17.43
N GLU C 69 6.25 19.81 -18.64
CA GLU C 69 6.44 20.66 -19.81
C GLU C 69 5.31 21.65 -20.04
N MET C 70 5.69 22.91 -20.21
CA MET C 70 4.73 23.98 -20.44
C MET C 70 5.20 24.93 -21.52
N LYS C 71 4.28 25.79 -21.97
CA LYS C 71 4.58 26.76 -22.99
C LYS C 71 5.00 28.11 -22.40
N ASP C 72 6.29 28.41 -22.51
CA ASP C 72 6.86 29.67 -22.04
C ASP C 72 6.65 29.99 -20.56
N LYS C 73 6.52 28.96 -19.73
CA LYS C 73 6.35 29.15 -18.28
C LYS C 73 6.80 27.91 -17.52
N LEU C 74 7.04 28.06 -16.22
CA LEU C 74 7.46 26.92 -15.41
C LEU C 74 6.27 26.33 -14.65
N PHE C 75 5.45 27.21 -14.10
CA PHE C 75 4.25 26.79 -13.38
C PHE C 75 3.08 27.53 -14.00
N ALA C 76 1.91 26.89 -14.00
CA ALA C 76 0.73 27.50 -14.58
C ALA C 76 -0.09 28.29 -13.58
N GLU C 77 -0.88 29.22 -14.09
CA GLU C 77 -1.76 30.05 -13.28
C GLU C 77 -3.15 29.91 -13.88
N PRO C 78 -4.20 30.18 -13.09
CA PRO C 78 -5.55 30.05 -13.65
C PRO C 78 -5.81 31.16 -14.66
N ASN C 79 -6.54 30.85 -15.72
CA ASN C 79 -6.87 31.86 -16.72
C ASN C 79 -8.27 32.36 -16.42
N PRO C 80 -8.73 33.40 -17.12
CA PRO C 80 -10.08 33.92 -16.87
C PRO C 80 -11.23 32.91 -16.89
N ALA C 81 -11.05 31.78 -17.56
CA ALA C 81 -12.10 30.76 -17.60
C ALA C 81 -12.24 30.14 -16.20
N HIS C 82 -11.10 29.84 -15.56
CA HIS C 82 -11.11 29.28 -14.23
C HIS C 82 -11.78 30.24 -13.24
N TYR C 83 -11.37 31.51 -13.27
CA TYR C 83 -11.96 32.50 -12.38
C TYR C 83 -13.43 32.71 -12.66
N ALA C 84 -13.80 32.70 -13.93
CA ALA C 84 -15.20 32.88 -14.30
C ALA C 84 -16.07 31.84 -13.63
N ILE C 85 -15.62 30.59 -13.61
CA ILE C 85 -16.36 29.49 -12.99
C ILE C 85 -16.45 29.65 -11.48
N ALA C 86 -15.34 30.05 -10.85
CA ALA C 86 -15.31 30.28 -9.41
C ALA C 86 -16.27 31.41 -9.07
N GLU C 87 -16.34 32.39 -9.96
CA GLU C 87 -17.23 33.53 -9.77
C GLU C 87 -18.68 33.03 -9.77
N LEU C 88 -19.02 32.23 -10.77
CA LEU C 88 -20.37 31.68 -10.88
C LEU C 88 -20.72 30.89 -9.62
N GLU C 89 -19.71 30.37 -8.94
CA GLU C 89 -19.92 29.61 -7.72
C GLU C 89 -20.23 30.56 -6.57
N ARG C 90 -19.67 31.76 -6.62
CA ARG C 90 -19.90 32.75 -5.58
C ARG C 90 -21.28 33.37 -5.77
N MET C 91 -21.70 33.49 -7.02
CA MET C 91 -22.99 34.08 -7.36
C MET C 91 -24.18 33.17 -7.04
N GLY C 92 -23.90 31.98 -6.49
CA GLY C 92 -24.96 31.06 -6.13
C GLY C 92 -25.51 30.21 -7.27
N ILE C 93 -24.74 30.12 -8.36
CA ILE C 93 -25.16 29.34 -9.51
C ILE C 93 -24.44 27.99 -9.64
N VAL C 94 -23.11 28.03 -9.64
CA VAL C 94 -22.31 26.81 -9.75
C VAL C 94 -22.06 26.20 -8.37
N LYS C 95 -22.45 24.94 -8.20
CA LYS C 95 -22.28 24.23 -6.95
C LYS C 95 -21.25 23.11 -7.04
N ALA C 96 -20.71 22.89 -8.23
CA ALA C 96 -19.72 21.84 -8.39
C ALA C 96 -18.99 21.88 -9.74
N VAL C 97 -17.74 21.45 -9.69
CA VAL C 97 -16.92 21.38 -10.89
C VAL C 97 -16.37 19.97 -10.95
N ILE C 98 -16.57 19.30 -12.08
CA ILE C 98 -16.05 17.96 -12.28
C ILE C 98 -14.98 18.17 -13.33
N THR C 99 -13.75 17.79 -13.02
CA THR C 99 -12.69 17.98 -13.99
C THR C 99 -11.83 16.74 -14.15
N GLN C 100 -11.21 16.64 -15.33
CA GLN C 100 -10.31 15.56 -15.63
C GLN C 100 -8.89 16.12 -15.63
N ASN C 101 -8.78 17.41 -15.36
CA ASN C 101 -7.47 18.06 -15.27
C ASN C 101 -6.83 17.76 -13.91
N ILE C 102 -5.50 17.63 -13.90
CA ILE C 102 -4.76 17.35 -12.67
C ILE C 102 -3.94 18.57 -12.24
N ASP C 103 -4.24 19.72 -12.83
CA ASP C 103 -3.49 20.93 -12.55
C ASP C 103 -3.94 21.79 -11.35
N MET C 104 -5.02 21.41 -10.70
CA MET C 104 -5.53 22.15 -9.54
C MET C 104 -5.76 23.62 -9.79
N LEU C 105 -5.99 23.99 -11.05
CA LEU C 105 -6.24 25.37 -11.39
C LEU C 105 -7.62 25.86 -10.98
N HIS C 106 -8.56 24.93 -10.80
CA HIS C 106 -9.91 25.30 -10.39
C HIS C 106 -9.86 25.74 -8.94
N GLN C 107 -9.23 24.94 -8.09
CA GLN C 107 -9.12 25.28 -6.68
C GLN C 107 -8.41 26.61 -6.51
N ARG C 108 -7.25 26.74 -7.15
CA ARG C 108 -6.46 27.96 -7.05
C ARG C 108 -7.14 29.20 -7.57
N ALA C 109 -8.23 29.02 -8.32
CA ALA C 109 -8.98 30.14 -8.85
C ALA C 109 -10.10 30.48 -7.89
N GLY C 110 -10.27 29.66 -6.86
CA GLY C 110 -11.32 29.91 -5.89
C GLY C 110 -12.52 28.98 -5.90
N SER C 111 -12.46 27.88 -6.65
CA SER C 111 -13.59 26.96 -6.67
C SER C 111 -13.56 26.17 -5.37
N ARG C 112 -14.71 26.05 -4.72
CA ARG C 112 -14.82 25.35 -3.43
C ARG C 112 -15.09 23.85 -3.49
N ARG C 113 -15.78 23.41 -4.54
CA ARG C 113 -16.06 21.99 -4.69
C ARG C 113 -15.59 21.51 -6.06
N VAL C 114 -14.51 20.74 -6.08
CA VAL C 114 -13.95 20.26 -7.33
C VAL C 114 -13.77 18.75 -7.29
N LEU C 115 -14.45 18.04 -8.20
CA LEU C 115 -14.33 16.59 -8.26
C LEU C 115 -13.28 16.25 -9.31
N GLU C 116 -12.14 15.72 -8.84
CA GLU C 116 -11.03 15.40 -9.72
C GLU C 116 -10.94 13.93 -10.13
N LEU C 117 -11.58 13.59 -11.24
CA LEU C 117 -11.61 12.23 -11.75
C LEU C 117 -10.23 11.60 -11.96
N HIS C 118 -9.22 12.43 -12.19
CA HIS C 118 -7.87 11.91 -12.41
C HIS C 118 -6.91 12.28 -11.28
N GLY C 119 -7.45 12.77 -10.18
CA GLY C 119 -6.62 13.14 -9.04
C GLY C 119 -5.84 14.41 -9.31
N SER C 120 -4.76 14.61 -8.56
CA SER C 120 -3.91 15.78 -8.72
C SER C 120 -2.53 15.53 -8.14
N MET C 121 -1.63 16.47 -8.35
CA MET C 121 -0.28 16.33 -7.85
C MET C 121 -0.10 17.00 -6.49
N ASP C 122 -1.19 17.19 -5.78
CA ASP C 122 -1.11 17.82 -4.46
C ASP C 122 -0.31 16.93 -3.51
N LYS C 123 -0.40 15.62 -3.70
CA LYS C 123 0.32 14.67 -2.85
C LYS C 123 1.04 13.59 -3.64
N LEU C 124 2.11 13.06 -3.05
CA LEU C 124 2.88 12.01 -3.71
C LEU C 124 3.23 10.91 -2.72
N ASP C 125 3.48 9.72 -3.24
CA ASP C 125 3.82 8.58 -2.40
C ASP C 125 5.04 7.85 -2.92
N CYS C 126 5.93 7.46 -2.01
CA CYS C 126 7.08 6.69 -2.42
C CYS C 126 6.52 5.27 -2.59
N LEU C 127 6.73 4.68 -3.76
CA LEU C 127 6.24 3.33 -4.04
C LEU C 127 7.05 2.24 -3.35
N ASP C 128 8.23 2.58 -2.85
CA ASP C 128 9.07 1.59 -2.20
C ASP C 128 8.87 1.50 -0.69
N CYS C 129 8.92 2.64 0.01
CA CYS C 129 8.75 2.64 1.45
C CYS C 129 7.43 3.25 1.93
N HIS C 130 6.65 3.77 0.98
CA HIS C 130 5.35 4.38 1.26
C HIS C 130 5.32 5.71 1.99
N GLU C 131 6.43 6.41 2.03
CA GLU C 131 6.41 7.72 2.68
C GLU C 131 5.54 8.61 1.81
N THR C 132 4.68 9.41 2.44
CA THR C 132 3.81 10.32 1.69
C THR C 132 4.41 11.72 1.77
N TYR C 133 4.15 12.54 0.75
CA TYR C 133 4.67 13.90 0.71
C TYR C 133 3.68 14.89 0.12
N ASP C 134 3.87 16.17 0.46
CA ASP C 134 3.05 17.24 -0.07
C ASP C 134 3.85 17.77 -1.26
N TRP C 135 3.16 18.31 -2.26
CA TRP C 135 3.84 18.84 -3.43
C TRP C 135 4.94 19.82 -3.02
N SER C 136 4.62 20.72 -2.10
CA SER C 136 5.56 21.73 -1.64
C SER C 136 6.92 21.19 -1.19
N GLU C 137 6.97 19.91 -0.82
CA GLU C 137 8.21 19.30 -0.35
C GLU C 137 9.33 19.22 -1.38
N PHE C 138 8.98 19.20 -2.67
CA PHE C 138 10.00 19.10 -3.71
C PHE C 138 10.16 20.37 -4.54
N VAL C 139 9.64 21.48 -4.05
CA VAL C 139 9.73 22.76 -4.77
C VAL C 139 11.17 23.09 -5.17
N GLU C 140 12.11 22.89 -4.25
CA GLU C 140 13.51 23.18 -4.56
C GLU C 140 14.05 22.24 -5.63
N ASP C 141 13.67 20.97 -5.54
CA ASP C 141 14.12 19.95 -6.51
C ASP C 141 13.69 20.32 -7.92
N PHE C 142 12.41 20.64 -8.09
CA PHE C 142 11.92 21.02 -9.40
C PHE C 142 12.60 22.30 -9.89
N ASN C 143 12.78 23.25 -9.00
CA ASN C 143 13.40 24.53 -9.35
C ASN C 143 14.73 24.33 -10.07
N LYS C 144 15.51 23.34 -9.63
CA LYS C 144 16.80 23.07 -10.24
C LYS C 144 16.77 22.00 -11.33
N GLY C 145 15.59 21.75 -11.88
CA GLY C 145 15.46 20.76 -12.94
C GLY C 145 15.61 19.30 -12.53
N GLU C 146 15.50 19.00 -11.24
CA GLU C 146 15.63 17.61 -10.77
C GLU C 146 14.25 17.01 -10.48
N ILE C 147 14.19 15.68 -10.34
CA ILE C 147 12.92 15.02 -10.05
C ILE C 147 12.83 14.64 -8.59
N PRO C 148 11.60 14.41 -8.10
CA PRO C 148 11.39 14.04 -6.69
C PRO C 148 12.10 12.76 -6.27
N ARG C 149 12.65 12.77 -5.06
CA ARG C 149 13.36 11.62 -4.53
C ARG C 149 13.03 11.45 -3.05
N CYS C 150 12.63 10.24 -2.66
CA CYS C 150 12.26 9.98 -1.28
C CYS C 150 13.39 10.25 -0.29
N ARG C 151 13.14 11.14 0.66
CA ARG C 151 14.13 11.51 1.66
C ARG C 151 14.39 10.37 2.65
N LYS C 152 13.45 9.45 2.74
CA LYS C 152 13.56 8.35 3.69
C LYS C 152 14.34 7.13 3.19
N CYS C 153 14.14 6.74 1.93
CA CYS C 153 14.84 5.57 1.41
C CYS C 153 15.67 5.82 0.15
N GLY C 154 15.61 7.04 -0.38
CA GLY C 154 16.38 7.37 -1.57
C GLY C 154 15.77 6.99 -2.91
N SER C 155 14.60 6.35 -2.89
CA SER C 155 13.94 5.94 -4.12
C SER C 155 13.54 7.10 -5.03
N TYR C 156 13.53 6.85 -6.33
CA TYR C 156 13.15 7.85 -7.32
C TYR C 156 11.74 7.58 -7.79
N TYR C 157 11.07 6.66 -7.12
CA TYR C 157 9.71 6.30 -7.49
C TYR C 157 8.68 6.99 -6.59
N VAL C 158 8.74 8.32 -6.58
CA VAL C 158 7.82 9.12 -5.79
C VAL C 158 6.70 9.45 -6.78
N LYS C 159 5.61 8.68 -6.71
CA LYS C 159 4.50 8.85 -7.62
C LYS C 159 3.42 9.83 -7.19
N PRO C 160 3.11 10.81 -8.06
CA PRO C 160 2.08 11.80 -7.74
C PRO C 160 0.74 11.03 -7.71
N ARG C 161 -0.22 11.49 -6.91
CA ARG C 161 -1.51 10.81 -6.78
C ARG C 161 -2.50 11.14 -7.88
N VAL C 162 -2.10 10.88 -9.12
CA VAL C 162 -2.96 11.14 -10.25
C VAL C 162 -3.19 9.78 -10.90
N VAL C 163 -4.23 9.69 -11.73
CA VAL C 163 -4.51 8.44 -12.41
C VAL C 163 -3.64 8.33 -13.66
N LEU C 164 -2.73 7.35 -13.67
CA LEU C 164 -1.87 7.15 -14.83
C LEU C 164 -2.50 6.09 -15.71
N PHE C 165 -2.07 6.00 -16.96
CA PHE C 165 -2.64 4.98 -17.85
C PHE C 165 -2.36 3.62 -17.21
N GLY C 166 -3.42 2.87 -16.98
CA GLY C 166 -3.26 1.55 -16.38
C GLY C 166 -3.68 1.50 -14.92
N GLU C 167 -4.48 2.48 -14.49
CA GLU C 167 -4.95 2.52 -13.11
C GLU C 167 -6.43 2.88 -13.12
N PRO C 168 -7.17 2.52 -12.05
CA PRO C 168 -8.60 2.84 -12.02
C PRO C 168 -8.85 4.29 -11.56
N LEU C 169 -10.08 4.76 -11.67
CA LEU C 169 -10.43 6.12 -11.27
C LEU C 169 -10.86 6.11 -9.81
N PRO C 170 -10.81 7.28 -9.13
CA PRO C 170 -11.21 7.37 -7.73
C PRO C 170 -12.72 7.18 -7.66
N GLN C 171 -13.18 6.03 -7.15
CA GLN C 171 -14.62 5.73 -7.10
C GLN C 171 -15.47 6.71 -6.29
N ARG C 172 -15.02 7.08 -5.10
CA ARG C 172 -15.75 8.03 -4.28
C ARG C 172 -15.96 9.29 -5.11
N THR C 173 -15.02 9.56 -6.00
CA THR C 173 -15.10 10.73 -6.86
C THR C 173 -15.96 10.45 -8.10
N LEU C 174 -15.81 9.26 -8.68
CA LEU C 174 -16.58 8.90 -9.86
C LEU C 174 -18.07 8.89 -9.49
N PHE C 175 -18.38 8.30 -8.34
CA PHE C 175 -19.76 8.22 -7.86
C PHE C 175 -20.33 9.60 -7.64
N GLU C 176 -19.55 10.49 -7.06
CA GLU C 176 -20.05 11.84 -6.84
C GLU C 176 -20.27 12.57 -8.15
N ALA C 177 -19.44 12.28 -9.14
CA ALA C 177 -19.58 12.93 -10.44
C ALA C 177 -20.92 12.57 -11.06
N ILE C 178 -21.23 11.28 -11.09
CA ILE C 178 -22.49 10.78 -11.65
C ILE C 178 -23.68 11.31 -10.87
N GLU C 179 -23.60 11.28 -9.54
CA GLU C 179 -24.69 11.77 -8.69
C GLU C 179 -24.85 13.26 -8.94
N GLU C 180 -23.74 13.94 -9.23
CA GLU C 180 -23.77 15.36 -9.49
C GLU C 180 -24.53 15.60 -10.80
N ALA C 181 -24.25 14.80 -11.81
CA ALA C 181 -24.93 14.95 -13.09
C ALA C 181 -26.41 14.63 -12.93
N LYS C 182 -26.72 13.66 -12.07
CA LYS C 182 -28.10 13.25 -11.82
C LYS C 182 -28.99 14.31 -11.17
N HIS C 183 -28.43 15.23 -10.40
CA HIS C 183 -29.31 16.23 -9.76
C HIS C 183 -28.99 17.70 -10.03
N CYS C 184 -28.16 17.98 -11.02
CA CYS C 184 -27.85 19.36 -11.34
C CYS C 184 -29.05 19.88 -12.13
N ASP C 185 -29.21 21.19 -12.20
CA ASP C 185 -30.31 21.76 -12.98
C ASP C 185 -29.75 22.33 -14.28
N ALA C 186 -28.43 22.48 -14.32
CA ALA C 186 -27.72 22.99 -15.49
C ALA C 186 -26.36 22.30 -15.53
N PHE C 187 -25.97 21.82 -16.72
CA PHE C 187 -24.70 21.11 -16.91
C PHE C 187 -23.91 21.76 -18.04
N MET C 188 -22.80 22.39 -17.70
CA MET C 188 -21.98 23.07 -18.69
C MET C 188 -20.60 22.45 -18.89
N VAL C 189 -20.30 22.07 -20.13
CA VAL C 189 -19.03 21.48 -20.49
C VAL C 189 -18.11 22.56 -21.03
N VAL C 190 -16.86 22.54 -20.58
CA VAL C 190 -15.89 23.55 -21.01
C VAL C 190 -14.54 22.94 -21.28
N GLY C 191 -14.06 23.09 -22.51
CA GLY C 191 -12.74 22.59 -22.85
C GLY C 191 -12.58 21.09 -22.80
N SER C 192 -13.58 20.37 -23.30
CA SER C 192 -13.50 18.92 -23.34
C SER C 192 -14.07 18.38 -24.64
N SER C 193 -13.38 17.39 -25.19
CA SER C 193 -13.80 16.76 -26.42
C SER C 193 -14.81 15.66 -26.09
N LEU C 194 -15.01 15.41 -24.80
CA LEU C 194 -15.96 14.39 -24.34
C LEU C 194 -15.63 13.00 -24.90
N VAL C 195 -14.37 12.59 -24.73
CA VAL C 195 -13.90 11.30 -25.21
C VAL C 195 -13.51 10.33 -24.10
N VAL C 196 -12.75 10.81 -23.11
CA VAL C 196 -12.28 9.97 -22.01
C VAL C 196 -13.37 9.71 -20.97
N TYR C 197 -13.71 8.43 -20.78
CA TYR C 197 -14.73 8.04 -19.81
C TYR C 197 -14.50 8.76 -18.49
N PRO C 198 -15.58 9.26 -17.86
CA PRO C 198 -16.98 9.18 -18.29
C PRO C 198 -17.47 10.45 -18.98
N ALA C 199 -16.56 11.17 -19.64
CA ALA C 199 -16.92 12.41 -20.31
C ALA C 199 -18.00 12.22 -21.37
N ALA C 200 -17.97 11.09 -22.08
CA ALA C 200 -18.97 10.84 -23.12
C ALA C 200 -20.34 10.45 -22.57
N GLU C 201 -20.38 10.05 -21.30
CA GLU C 201 -21.63 9.63 -20.67
C GLU C 201 -22.30 10.59 -19.71
N LEU C 202 -21.53 11.43 -19.02
CA LEU C 202 -22.15 12.37 -18.09
C LEU C 202 -23.22 13.29 -18.70
N PRO C 203 -22.98 13.79 -19.92
CA PRO C 203 -23.97 14.68 -20.55
C PRO C 203 -25.34 14.02 -20.72
N TYR C 204 -25.34 12.76 -21.14
CA TYR C 204 -26.59 12.03 -21.34
C TYR C 204 -27.27 11.76 -20.00
N ILE C 205 -26.48 11.54 -18.97
CA ILE C 205 -27.00 11.29 -17.64
C ILE C 205 -27.72 12.55 -17.15
N ALA C 206 -27.06 13.71 -17.27
CA ALA C 206 -27.65 14.97 -16.85
C ALA C 206 -28.87 15.32 -17.69
N LYS C 207 -28.86 14.98 -18.99
CA LYS C 207 -30.01 15.31 -19.82
C LYS C 207 -31.22 14.47 -19.46
N LYS C 208 -31.00 13.19 -19.19
CA LYS C 208 -32.10 12.31 -18.81
C LYS C 208 -32.76 12.90 -17.57
N ALA C 209 -31.92 13.37 -16.65
CA ALA C 209 -32.37 13.96 -15.40
C ALA C 209 -33.09 15.29 -15.56
N GLY C 210 -33.06 15.84 -16.77
CA GLY C 210 -33.75 17.09 -17.03
C GLY C 210 -32.96 18.39 -16.93
N ALA C 211 -31.64 18.29 -16.89
CA ALA C 211 -30.83 19.49 -16.80
C ALA C 211 -30.74 20.23 -18.14
N LYS C 212 -30.52 21.54 -18.07
CA LYS C 212 -30.35 22.35 -19.27
C LYS C 212 -28.85 22.26 -19.55
N MET C 213 -28.49 22.07 -20.81
CA MET C 213 -27.07 21.91 -21.11
C MET C 213 -26.38 22.88 -22.04
N ILE C 214 -25.16 23.22 -21.67
CA ILE C 214 -24.32 24.15 -22.41
C ILE C 214 -22.95 23.54 -22.65
N ILE C 215 -22.38 23.80 -23.81
CA ILE C 215 -21.04 23.31 -24.11
C ILE C 215 -20.22 24.41 -24.77
N VAL C 216 -19.07 24.69 -24.16
CA VAL C 216 -18.13 25.69 -24.65
C VAL C 216 -16.86 24.93 -24.99
N ASN C 217 -16.52 24.88 -26.27
CA ASN C 217 -15.33 24.16 -26.70
C ASN C 217 -14.76 24.75 -27.98
N ALA C 218 -13.47 24.57 -28.19
CA ALA C 218 -12.80 25.10 -29.38
C ALA C 218 -13.25 24.41 -30.66
N GLU C 219 -13.63 23.15 -30.54
CA GLU C 219 -14.08 22.40 -31.69
C GLU C 219 -15.37 21.67 -31.34
N PRO C 220 -16.13 21.24 -32.37
CA PRO C 220 -17.37 20.53 -32.12
C PRO C 220 -17.10 19.11 -31.62
N THR C 221 -18.06 18.55 -30.90
CA THR C 221 -17.92 17.20 -30.39
C THR C 221 -19.10 16.43 -30.96
N MET C 222 -19.04 15.12 -30.83
CA MET C 222 -20.10 14.25 -31.35
C MET C 222 -21.42 14.47 -30.61
N ALA C 223 -21.35 14.91 -29.36
CA ALA C 223 -22.55 15.10 -28.57
C ALA C 223 -23.20 16.48 -28.66
N ASP C 224 -22.57 17.41 -29.38
CA ASP C 224 -23.11 18.77 -29.55
C ASP C 224 -24.62 18.90 -29.71
N PRO C 225 -25.22 18.16 -30.66
CA PRO C 225 -26.66 18.21 -30.92
C PRO C 225 -27.59 18.00 -29.73
N ILE C 226 -27.13 17.29 -28.70
CA ILE C 226 -27.99 17.05 -27.53
C ILE C 226 -27.93 18.19 -26.53
N PHE C 227 -27.02 19.13 -26.73
CA PHE C 227 -26.90 20.27 -25.84
C PHE C 227 -27.89 21.34 -26.27
N ASP C 228 -28.27 22.23 -25.35
CA ASP C 228 -29.20 23.30 -25.67
C ASP C 228 -28.48 24.46 -26.33
N VAL C 229 -27.30 24.78 -25.81
CA VAL C 229 -26.48 25.87 -26.34
C VAL C 229 -25.08 25.37 -26.68
N LYS C 230 -24.67 25.63 -27.91
CA LYS C 230 -23.34 25.22 -28.40
C LYS C 230 -22.56 26.47 -28.73
N ILE C 231 -21.35 26.57 -28.18
CA ILE C 231 -20.49 27.72 -28.42
C ILE C 231 -19.09 27.28 -28.84
N ILE C 232 -18.64 27.79 -29.98
CA ILE C 232 -17.32 27.47 -30.49
C ILE C 232 -16.38 28.65 -30.20
N GLY C 233 -15.33 28.40 -29.42
CA GLY C 233 -14.39 29.46 -29.11
C GLY C 233 -13.46 29.08 -27.97
N LYS C 234 -12.58 30.01 -27.61
CA LYS C 234 -11.64 29.77 -26.51
C LYS C 234 -12.34 30.00 -25.18
N ALA C 235 -12.15 29.08 -24.24
CA ALA C 235 -12.78 29.16 -22.93
C ALA C 235 -12.45 30.47 -22.19
N GLY C 236 -11.20 30.91 -22.31
CA GLY C 236 -10.76 32.13 -21.65
C GLY C 236 -11.43 33.40 -22.15
N GLU C 237 -12.02 33.36 -23.33
CA GLU C 237 -12.68 34.54 -23.89
C GLU C 237 -14.20 34.45 -23.76
N VAL C 238 -14.73 33.24 -23.90
CA VAL C 238 -16.17 33.02 -23.82
C VAL C 238 -16.76 33.06 -22.42
N LEU C 239 -16.19 32.28 -21.50
CA LEU C 239 -16.74 32.25 -20.14
C LEU C 239 -16.89 33.61 -19.47
N PRO C 240 -15.85 34.45 -19.50
CA PRO C 240 -16.01 35.76 -18.85
C PRO C 240 -17.14 36.61 -19.44
N LYS C 241 -17.43 36.41 -20.73
CA LYS C 241 -18.51 37.16 -21.38
C LYS C 241 -19.86 36.60 -20.95
N ILE C 242 -19.87 35.31 -20.60
CA ILE C 242 -21.10 34.68 -20.15
C ILE C 242 -21.40 35.15 -18.74
N VAL C 243 -20.36 35.27 -17.92
CA VAL C 243 -20.53 35.73 -16.55
C VAL C 243 -21.03 37.17 -16.54
N GLU C 244 -20.38 38.04 -17.31
CA GLU C 244 -20.78 39.44 -17.38
C GLU C 244 -22.25 39.56 -17.80
N GLU C 245 -22.65 38.80 -18.82
CA GLU C 245 -24.02 38.82 -19.31
C GLU C 245 -25.01 38.32 -18.25
N VAL C 246 -24.54 37.46 -17.36
CA VAL C 246 -25.40 36.94 -16.30
C VAL C 246 -25.57 38.05 -15.26
N LYS C 247 -24.51 38.82 -15.04
CA LYS C 247 -24.56 39.92 -14.09
C LYS C 247 -25.45 41.04 -14.63
N ARG C 248 -25.46 41.20 -15.94
CA ARG C 248 -26.28 42.23 -16.56
C ARG C 248 -27.75 41.85 -16.49
N LEU C 249 -28.03 40.56 -16.57
CA LEU C 249 -29.42 40.07 -16.49
C LEU C 249 -29.95 40.24 -15.07
N ARG C 250 -29.05 40.16 -14.10
CA ARG C 250 -29.44 40.30 -12.70
C ARG C 250 -29.48 41.77 -12.30
N SER C 251 -28.73 42.59 -13.04
CA SER C 251 -28.68 44.03 -12.79
C SER C 251 -29.84 44.70 -13.53
N GLU C 252 -29.80 44.62 -14.86
CA GLU C 252 -30.84 45.19 -15.70
C GLU C 252 -31.91 44.15 -16.00
N GLU D 2 15.56 25.84 15.22
CA GLU D 2 16.55 24.98 14.52
C GLU D 2 17.88 24.91 15.25
N ASP D 3 18.35 26.06 15.73
CA ASP D 3 19.62 26.14 16.45
C ASP D 3 19.55 25.36 17.77
N GLU D 4 18.66 25.79 18.66
CA GLU D 4 18.49 25.13 19.94
C GLU D 4 18.08 23.66 19.74
N ILE D 5 17.28 23.42 18.71
CA ILE D 5 16.82 22.07 18.40
C ILE D 5 17.98 21.13 18.08
N ARG D 6 18.98 21.65 17.38
CA ARG D 6 20.15 20.86 17.03
C ARG D 6 20.95 20.51 18.29
N LYS D 7 21.09 21.48 19.18
CA LYS D 7 21.84 21.26 20.43
C LYS D 7 21.15 20.21 21.31
N ALA D 8 19.82 20.28 21.38
CA ALA D 8 19.08 19.31 22.20
C ALA D 8 19.36 17.91 21.67
N ALA D 9 19.33 17.77 20.36
CA ALA D 9 19.57 16.49 19.72
C ALA D 9 20.98 15.98 20.04
N GLU D 10 21.94 16.89 19.99
CA GLU D 10 23.33 16.52 20.28
C GLU D 10 23.44 15.91 21.68
N ILE D 11 22.75 16.50 22.64
CA ILE D 11 22.76 16.01 24.02
C ILE D 11 22.10 14.64 24.15
N LEU D 12 20.93 14.49 23.53
CA LEU D 12 20.20 13.22 23.60
C LEU D 12 20.96 12.09 22.88
N ALA D 13 21.59 12.43 21.77
CA ALA D 13 22.35 11.44 21.00
C ALA D 13 23.55 10.91 21.79
N LYS D 14 24.07 11.74 22.69
CA LYS D 14 25.23 11.36 23.49
C LYS D 14 24.86 10.75 24.84
N SER D 15 23.59 10.84 25.22
CA SER D 15 23.16 10.28 26.51
C SER D 15 22.61 8.87 26.40
N LYS D 16 22.72 8.10 27.48
CA LYS D 16 22.25 6.72 27.49
C LYS D 16 21.19 6.45 28.56
N HIS D 17 20.89 7.47 29.36
CA HIS D 17 19.89 7.32 30.42
C HIS D 17 19.10 8.62 30.62
N ALA D 18 18.48 9.09 29.55
CA ALA D 18 17.69 10.31 29.60
C ALA D 18 16.31 10.09 30.21
N VAL D 19 15.80 11.12 30.86
CA VAL D 19 14.49 11.08 31.48
C VAL D 19 13.70 12.28 30.99
N VAL D 20 12.44 12.05 30.66
CA VAL D 20 11.58 13.12 30.17
C VAL D 20 10.43 13.37 31.13
N PHE D 21 10.17 14.64 31.43
CA PHE D 21 9.08 15.02 32.31
C PHE D 21 8.05 15.76 31.47
N THR D 22 6.79 15.35 31.55
CA THR D 22 5.77 16.03 30.78
C THR D 22 4.61 16.54 31.60
N GLY D 23 4.09 17.69 31.18
CA GLY D 23 2.97 18.31 31.86
C GLY D 23 1.82 18.41 30.89
N ALA D 24 0.83 19.21 31.25
CA ALA D 24 -0.36 19.40 30.41
C ALA D 24 -0.03 20.07 29.07
N GLY D 25 1.04 20.85 29.05
CA GLY D 25 1.43 21.57 27.86
C GLY D 25 1.85 20.74 26.66
N ILE D 26 1.91 19.42 26.83
CA ILE D 26 2.31 18.56 25.74
C ILE D 26 1.09 18.32 24.86
N SER D 27 -0.05 18.08 25.50
CA SER D 27 -1.30 17.81 24.80
C SER D 27 -1.96 19.10 24.32
N ALA D 28 -1.15 20.04 23.85
CA ALA D 28 -1.65 21.31 23.36
C ALA D 28 -2.44 21.05 22.06
N GLY D 40 -10.91 30.47 34.38
CA GLY D 40 -10.94 30.07 35.77
C GLY D 40 -11.77 28.82 36.01
N LEU D 41 -11.13 27.66 35.88
CA LEU D 41 -11.81 26.39 36.09
C LEU D 41 -12.46 26.33 37.48
N TRP D 42 -11.70 26.71 38.50
CA TRP D 42 -12.19 26.67 39.87
C TRP D 42 -13.12 27.83 40.19
N ARG D 43 -13.46 28.61 39.16
CA ARG D 43 -14.39 29.72 39.33
C ARG D 43 -15.75 29.22 38.86
N LYS D 44 -15.74 28.27 37.93
CA LYS D 44 -16.96 27.70 37.38
C LYS D 44 -17.43 26.52 38.24
N TYR D 45 -16.48 25.77 38.80
CA TYR D 45 -16.79 24.62 39.66
C TYR D 45 -16.14 24.78 41.04
N ASP D 46 -16.71 24.11 42.03
CA ASP D 46 -16.20 24.16 43.39
C ASP D 46 -15.25 22.97 43.54
N PRO D 47 -13.92 23.21 43.54
CA PRO D 47 -12.99 22.09 43.68
C PRO D 47 -13.29 21.17 44.86
N GLU D 48 -13.71 21.76 45.97
CA GLU D 48 -14.03 21.00 47.17
C GLU D 48 -15.17 20.00 46.96
N GLU D 49 -16.01 20.22 45.94
CA GLU D 49 -17.13 19.31 45.70
C GLU D 49 -16.96 18.38 44.51
N VAL D 50 -16.33 18.85 43.43
CA VAL D 50 -16.18 18.01 42.26
C VAL D 50 -14.84 17.30 42.13
N ALA D 51 -13.81 17.75 42.84
CA ALA D 51 -12.49 17.14 42.71
C ALA D 51 -11.76 16.73 43.99
N SER D 52 -12.47 16.58 45.11
CA SER D 52 -11.82 16.18 46.34
C SER D 52 -12.40 14.83 46.78
N ILE D 53 -11.66 14.09 47.62
CA ILE D 53 -12.18 12.80 48.07
C ILE D 53 -13.38 12.97 49.00
N SER D 54 -13.41 14.06 49.77
CA SER D 54 -14.54 14.30 50.66
C SER D 54 -15.77 14.62 49.80
N GLY D 55 -15.56 15.42 48.75
CA GLY D 55 -16.68 15.78 47.88
C GLY D 55 -17.24 14.57 47.16
N PHE D 56 -16.36 13.63 46.83
CA PHE D 56 -16.74 12.42 46.12
C PHE D 56 -17.58 11.48 47.00
N LYS D 57 -17.24 11.40 48.28
CA LYS D 57 -18.00 10.54 49.19
C LYS D 57 -19.34 11.17 49.51
N ARG D 58 -19.38 12.49 49.40
CA ARG D 58 -20.59 13.26 49.66
C ARG D 58 -21.55 13.09 48.48
N ASN D 59 -21.01 13.19 47.27
CA ASN D 59 -21.83 13.08 46.07
C ASN D 59 -20.94 12.77 44.87
N PRO D 60 -20.82 11.48 44.53
CA PRO D 60 -20.00 11.02 43.39
C PRO D 60 -20.45 11.59 42.04
N ARG D 61 -21.72 11.94 41.94
CA ARG D 61 -22.26 12.49 40.71
C ARG D 61 -21.63 13.84 40.35
N ALA D 62 -21.22 14.60 41.37
CA ALA D 62 -20.60 15.90 41.11
C ALA D 62 -19.28 15.73 40.35
N PHE D 63 -18.43 14.81 40.81
CA PHE D 63 -17.15 14.55 40.15
C PHE D 63 -17.37 14.02 38.72
N TRP D 64 -18.29 13.08 38.56
CA TRP D 64 -18.53 12.53 37.24
C TRP D 64 -19.19 13.50 36.27
N GLU D 65 -20.00 14.42 36.79
CA GLU D 65 -20.66 15.40 35.94
C GLU D 65 -19.57 16.37 35.50
N PHE D 66 -18.68 16.72 36.44
CA PHE D 66 -17.55 17.62 36.18
C PHE D 66 -16.68 17.01 35.07
N SER D 67 -16.38 15.71 35.19
CA SER D 67 -15.57 15.03 34.20
C SER D 67 -16.21 14.98 32.81
N MET D 68 -17.51 14.69 32.76
CA MET D 68 -18.24 14.62 31.49
C MET D 68 -18.24 15.97 30.77
N GLU D 69 -18.49 17.04 31.51
CA GLU D 69 -18.53 18.37 30.94
C GLU D 69 -17.16 18.86 30.48
N MET D 70 -16.11 18.29 31.04
CA MET D 70 -14.75 18.69 30.65
C MET D 70 -14.03 17.61 29.86
N LYS D 71 -14.75 16.66 29.30
CA LYS D 71 -14.12 15.56 28.55
C LYS D 71 -13.20 15.95 27.41
N ASP D 72 -13.40 17.14 26.85
CA ASP D 72 -12.56 17.66 25.76
C ASP D 72 -12.93 17.19 24.35
N LYS D 73 -12.14 16.27 23.79
CA LYS D 73 -12.39 15.78 22.42
C LYS D 73 -12.64 14.28 22.32
N LEU D 74 -13.45 13.89 21.34
CA LEU D 74 -13.79 12.49 21.12
C LEU D 74 -12.72 11.73 20.35
N PHE D 75 -12.60 10.44 20.65
CA PHE D 75 -11.63 9.56 20.00
C PHE D 75 -10.21 10.09 20.14
N ALA D 76 -9.97 10.79 21.26
CA ALA D 76 -8.66 11.36 21.55
C ALA D 76 -7.54 10.35 21.37
N GLU D 77 -6.36 10.85 21.01
CA GLU D 77 -5.22 9.99 20.80
C GLU D 77 -3.91 10.74 21.04
N PRO D 78 -2.79 9.99 21.16
CA PRO D 78 -1.48 10.61 21.38
C PRO D 78 -1.15 11.50 20.21
N ASN D 79 -0.36 12.55 20.44
CA ASN D 79 0.02 13.45 19.35
C ASN D 79 1.47 13.12 18.97
N PRO D 80 2.03 13.83 17.99
CA PRO D 80 3.41 13.52 17.60
C PRO D 80 4.50 13.66 18.68
N ALA D 81 4.23 14.39 19.75
CA ALA D 81 5.25 14.52 20.80
C ALA D 81 5.32 13.21 21.58
N HIS D 82 4.16 12.62 21.88
CA HIS D 82 4.10 11.35 22.59
C HIS D 82 4.82 10.26 21.80
N TYR D 83 4.57 10.21 20.49
CA TYR D 83 5.21 9.20 19.65
C TYR D 83 6.71 9.44 19.55
N ALA D 84 7.12 10.70 19.48
CA ALA D 84 8.54 11.02 19.41
C ALA D 84 9.28 10.56 20.68
N ILE D 85 8.67 10.76 21.83
CA ILE D 85 9.27 10.35 23.12
C ILE D 85 9.35 8.82 23.22
N ALA D 86 8.29 8.14 22.78
CA ALA D 86 8.27 6.68 22.79
C ALA D 86 9.39 6.16 21.89
N GLU D 87 9.59 6.87 20.77
CA GLU D 87 10.63 6.51 19.80
C GLU D 87 12.01 6.68 20.44
N LEU D 88 12.20 7.75 21.20
CA LEU D 88 13.47 7.99 21.85
C LEU D 88 13.81 6.86 22.81
N GLU D 89 12.79 6.31 23.47
CA GLU D 89 13.02 5.21 24.40
C GLU D 89 13.39 3.96 23.60
N ARG D 90 12.68 3.77 22.48
CA ARG D 90 12.93 2.62 21.63
C ARG D 90 14.36 2.65 21.13
N MET D 91 14.87 3.84 20.86
CA MET D 91 16.24 4.00 20.38
C MET D 91 17.23 3.77 21.52
N GLY D 92 16.71 3.42 22.71
CA GLY D 92 17.57 3.18 23.85
C GLY D 92 18.17 4.42 24.50
N ILE D 93 17.59 5.59 24.22
CA ILE D 93 18.08 6.84 24.79
C ILE D 93 17.29 7.20 26.06
N VAL D 94 15.96 7.24 25.94
CA VAL D 94 15.08 7.56 27.06
C VAL D 94 14.77 6.32 27.89
N LYS D 95 15.00 6.42 29.20
CA LYS D 95 14.79 5.31 30.11
C LYS D 95 13.57 5.45 31.03
N ALA D 96 12.92 6.61 31.01
CA ALA D 96 11.74 6.82 31.84
C ALA D 96 11.02 8.10 31.48
N VAL D 97 9.71 8.07 31.65
CA VAL D 97 8.89 9.23 31.40
C VAL D 97 8.12 9.52 32.68
N ILE D 98 8.31 10.71 33.21
CA ILE D 98 7.60 11.12 34.41
C ILE D 98 6.56 12.08 33.89
N THR D 99 5.32 11.92 34.32
CA THR D 99 4.26 12.80 33.85
C THR D 99 3.25 13.09 34.94
N GLN D 100 2.57 14.22 34.79
CA GLN D 100 1.52 14.63 35.72
C GLN D 100 0.19 14.40 34.99
N ASN D 101 0.27 13.93 33.75
CA ASN D 101 -0.94 13.69 32.97
C ASN D 101 -1.63 12.38 33.39
N ILE D 102 -2.96 12.38 33.32
CA ILE D 102 -3.75 11.23 33.75
C ILE D 102 -4.47 10.51 32.62
N ASP D 103 -4.18 10.86 31.37
CA ASP D 103 -4.87 10.23 30.25
C ASP D 103 -4.20 9.06 29.51
N MET D 104 -3.20 8.45 30.14
CA MET D 104 -2.51 7.28 29.57
C MET D 104 -1.96 7.47 28.15
N LEU D 105 -1.75 8.70 27.70
CA LEU D 105 -1.27 8.89 26.33
C LEU D 105 0.14 8.36 26.06
N HIS D 106 1.04 8.46 27.03
CA HIS D 106 2.40 7.97 26.83
C HIS D 106 2.41 6.46 26.59
N GLN D 107 1.69 5.71 27.41
CA GLN D 107 1.64 4.25 27.26
C GLN D 107 1.05 3.88 25.90
N ARG D 108 -0.02 4.56 25.51
CA ARG D 108 -0.65 4.28 24.23
C ARG D 108 0.28 4.58 23.07
N ALA D 109 1.16 5.57 23.25
CA ALA D 109 2.10 5.95 22.20
C ALA D 109 3.28 4.98 22.13
N GLY D 110 3.40 4.11 23.12
CA GLY D 110 4.47 3.14 23.09
C GLY D 110 5.49 3.17 24.21
N SER D 111 5.44 4.18 25.08
CA SER D 111 6.39 4.29 26.19
C SER D 111 6.13 3.16 27.18
N ARG D 112 7.20 2.48 27.59
CA ARG D 112 7.12 1.35 28.51
C ARG D 112 7.29 1.65 30.00
N ARG D 113 8.06 2.67 30.34
CA ARG D 113 8.23 3.02 31.74
C ARG D 113 7.72 4.45 31.95
N VAL D 114 6.54 4.55 32.52
CA VAL D 114 5.88 5.83 32.76
C VAL D 114 5.52 5.94 34.24
N LEU D 115 5.99 7.01 34.87
CA LEU D 115 5.72 7.24 36.28
C LEU D 115 4.64 8.32 36.35
N GLU D 116 3.42 7.90 36.67
CA GLU D 116 2.26 8.77 36.76
C GLU D 116 2.11 9.37 38.16
N LEU D 117 2.61 10.58 38.34
CA LEU D 117 2.56 11.25 39.63
C LEU D 117 1.16 11.59 40.13
N HIS D 118 0.18 11.67 39.23
CA HIS D 118 -1.18 11.98 39.64
C HIS D 118 -2.11 10.80 39.37
N GLY D 119 -1.51 9.65 39.13
CA GLY D 119 -2.30 8.47 38.84
C GLY D 119 -2.89 8.56 37.43
N SER D 120 -4.01 7.90 37.21
CA SER D 120 -4.65 7.96 35.90
C SER D 120 -6.05 7.40 35.94
N MET D 121 -6.76 7.59 34.84
CA MET D 121 -8.12 7.15 34.70
C MET D 121 -8.25 5.72 34.24
N ASP D 122 -7.12 5.07 33.97
CA ASP D 122 -7.19 3.70 33.46
C ASP D 122 -7.75 2.62 34.38
N LYS D 123 -7.63 2.82 35.69
CA LYS D 123 -8.15 1.86 36.66
C LYS D 123 -9.11 2.55 37.60
N LEU D 124 -10.19 1.86 37.95
CA LEU D 124 -11.19 2.41 38.86
C LEU D 124 -11.56 1.36 39.91
N ASP D 125 -12.11 1.80 41.04
CA ASP D 125 -12.51 0.91 42.13
C ASP D 125 -13.86 1.30 42.70
N CYS D 126 -14.68 0.32 43.02
CA CYS D 126 -15.95 0.60 43.67
C CYS D 126 -15.54 0.76 45.13
N LEU D 127 -15.86 1.90 45.74
CA LEU D 127 -15.48 2.12 47.13
C LEU D 127 -16.28 1.29 48.14
N ASP D 128 -17.32 0.60 47.68
CA ASP D 128 -18.15 -0.20 48.56
C ASP D 128 -17.85 -1.70 48.58
N CYS D 129 -17.73 -2.34 47.41
CA CYS D 129 -17.43 -3.78 47.38
C CYS D 129 -16.02 -4.08 46.87
N HIS D 130 -15.30 -3.02 46.49
CA HIS D 130 -13.91 -3.14 46.04
C HIS D 130 -13.63 -3.81 44.69
N GLU D 131 -14.65 -3.96 43.85
CA GLU D 131 -14.45 -4.54 42.53
C GLU D 131 -13.57 -3.54 41.75
N THR D 132 -12.58 -4.05 41.01
CA THR D 132 -11.72 -3.16 40.24
C THR D 132 -12.17 -3.16 38.78
N TYR D 133 -11.89 -2.07 38.07
CA TYR D 133 -12.28 -1.98 36.67
C TYR D 133 -11.27 -1.26 35.81
N ASP D 134 -11.34 -1.51 34.51
CA ASP D 134 -10.48 -0.82 33.56
C ASP D 134 -11.39 0.25 32.95
N TRP D 135 -10.81 1.36 32.54
CA TRP D 135 -11.59 2.45 31.94
C TRP D 135 -12.42 2.01 30.74
N SER D 136 -11.93 1.00 30.02
CA SER D 136 -12.65 0.49 28.85
C SER D 136 -14.03 -0.05 29.21
N GLU D 137 -14.23 -0.41 30.47
CA GLU D 137 -15.52 -0.95 30.89
C GLU D 137 -16.57 0.12 31.13
N PHE D 138 -16.16 1.39 31.21
CA PHE D 138 -17.11 2.48 31.44
C PHE D 138 -17.11 3.55 30.36
N VAL D 139 -16.04 3.60 29.56
CA VAL D 139 -15.90 4.59 28.50
C VAL D 139 -17.15 4.76 27.65
N GLU D 140 -17.87 3.67 27.42
CA GLU D 140 -19.08 3.71 26.62
C GLU D 140 -20.18 4.48 27.36
N ASP D 141 -20.49 4.06 28.58
CA ASP D 141 -21.51 4.72 29.40
C ASP D 141 -21.15 6.18 29.63
N PHE D 142 -19.89 6.43 29.94
CA PHE D 142 -19.39 7.77 30.20
C PHE D 142 -19.75 8.71 29.06
N ASN D 143 -19.29 8.38 27.85
CA ASN D 143 -19.56 9.19 26.67
C ASN D 143 -21.02 9.28 26.28
N LYS D 144 -21.85 8.38 26.81
CA LYS D 144 -23.28 8.42 26.52
C LYS D 144 -23.92 9.33 27.58
N GLY D 145 -23.09 9.83 28.49
CA GLY D 145 -23.56 10.72 29.55
C GLY D 145 -24.11 10.04 30.79
N GLU D 146 -23.83 8.74 30.93
CA GLU D 146 -24.29 7.98 32.09
C GLU D 146 -23.17 7.73 33.09
N ILE D 147 -23.47 7.96 34.37
CA ILE D 147 -22.49 7.79 35.42
C ILE D 147 -22.00 6.35 35.59
N PRO D 148 -20.69 6.18 35.80
CA PRO D 148 -20.16 4.83 35.99
C PRO D 148 -20.79 4.26 37.26
N ARG D 149 -21.28 3.03 37.18
CA ARG D 149 -21.93 2.38 38.31
C ARG D 149 -21.34 0.97 38.47
N CYS D 150 -21.11 0.55 39.72
CA CYS D 150 -20.55 -0.78 39.95
C CYS D 150 -21.53 -1.85 39.49
N ARG D 151 -21.05 -2.77 38.66
CA ARG D 151 -21.92 -3.84 38.15
C ARG D 151 -22.05 -5.02 39.08
N LYS D 152 -21.19 -5.09 40.09
CA LYS D 152 -21.26 -6.19 41.03
C LYS D 152 -22.21 -5.86 42.17
N CYS D 153 -22.13 -4.64 42.70
CA CYS D 153 -23.00 -4.27 43.81
C CYS D 153 -23.98 -3.13 43.56
N GLY D 154 -23.86 -2.45 42.43
CA GLY D 154 -24.78 -1.37 42.11
C GLY D 154 -24.44 0.01 42.67
N SER D 155 -23.34 0.11 43.40
CA SER D 155 -22.93 1.37 44.00
C SER D 155 -22.57 2.44 42.97
N TYR D 156 -22.72 3.71 43.35
CA TYR D 156 -22.36 4.80 42.44
C TYR D 156 -21.03 5.40 42.85
N TYR D 157 -20.29 4.68 43.71
CA TYR D 157 -18.99 5.15 44.17
C TYR D 157 -17.85 4.47 43.41
N VAL D 158 -17.77 4.71 42.10
CA VAL D 158 -16.70 4.13 41.28
C VAL D 158 -15.70 5.27 41.09
N LYS D 159 -14.60 5.19 41.81
CA LYS D 159 -13.57 6.23 41.76
C LYS D 159 -12.36 5.83 40.95
N PRO D 160 -11.96 6.66 39.98
CA PRO D 160 -10.78 6.27 39.20
C PRO D 160 -9.57 6.51 40.08
N ARG D 161 -8.45 5.86 39.74
CA ARG D 161 -7.23 6.00 40.53
C ARG D 161 -6.41 7.22 40.20
N VAL D 162 -7.08 8.36 40.24
CA VAL D 162 -6.41 9.61 39.97
C VAL D 162 -6.32 10.25 41.36
N VAL D 163 -5.42 11.20 41.53
CA VAL D 163 -5.27 11.86 42.82
C VAL D 163 -6.28 12.99 42.96
N LEU D 164 -7.13 12.90 43.97
CA LEU D 164 -8.14 13.92 44.24
C LEU D 164 -7.68 14.77 45.43
N PHE D 165 -8.14 16.01 45.52
CA PHE D 165 -7.75 16.87 46.64
C PHE D 165 -8.09 16.14 47.93
N GLY D 166 -7.13 16.06 48.85
CA GLY D 166 -7.36 15.37 50.12
C GLY D 166 -6.72 13.98 50.13
N GLU D 167 -6.27 13.53 48.97
CA GLU D 167 -5.61 12.23 48.84
C GLU D 167 -4.11 12.47 48.69
N PRO D 168 -3.30 11.47 49.03
CA PRO D 168 -1.85 11.68 48.88
C PRO D 168 -1.35 11.35 47.47
N LEU D 169 -0.21 11.93 47.10
CA LEU D 169 0.40 11.63 45.80
C LEU D 169 0.97 10.23 45.97
N PRO D 170 1.04 9.44 44.88
CA PRO D 170 1.60 8.09 44.99
C PRO D 170 3.03 8.18 45.52
N GLN D 171 3.23 7.82 46.78
CA GLN D 171 4.55 7.89 47.40
C GLN D 171 5.64 7.13 46.65
N ARG D 172 5.41 5.85 46.40
CA ARG D 172 6.39 5.04 45.70
C ARG D 172 6.69 5.55 44.30
N THR D 173 5.67 6.03 43.60
CA THR D 173 5.88 6.57 42.27
C THR D 173 6.69 7.85 42.37
N LEU D 174 6.38 8.69 43.37
CA LEU D 174 7.10 9.93 43.57
C LEU D 174 8.60 9.67 43.85
N PHE D 175 8.90 8.73 44.74
CA PHE D 175 10.29 8.42 45.04
C PHE D 175 11.03 7.84 43.84
N GLU D 176 10.36 7.01 43.04
CA GLU D 176 11.00 6.47 41.87
C GLU D 176 11.35 7.60 40.92
N ALA D 177 10.49 8.61 40.84
CA ALA D 177 10.74 9.74 39.96
C ALA D 177 11.90 10.57 40.49
N ILE D 178 12.02 10.67 41.81
CA ILE D 178 13.10 11.43 42.41
C ILE D 178 14.42 10.73 42.11
N GLU D 179 14.40 9.39 42.16
CA GLU D 179 15.59 8.62 41.86
C GLU D 179 15.99 8.77 40.40
N GLU D 180 15.00 8.78 39.50
CA GLU D 180 15.31 8.95 38.08
C GLU D 180 16.09 10.25 37.89
N ALA D 181 15.62 11.33 38.53
CA ALA D 181 16.29 12.61 38.40
C ALA D 181 17.72 12.58 38.94
N LYS D 182 17.91 11.84 40.03
CA LYS D 182 19.23 11.71 40.67
C LYS D 182 20.27 10.95 39.87
N HIS D 183 19.86 10.06 38.98
CA HIS D 183 20.86 9.30 38.24
C HIS D 183 20.79 9.33 36.72
N CYS D 184 20.03 10.26 36.16
CA CYS D 184 19.92 10.35 34.71
C CYS D 184 21.09 11.20 34.20
N ASP D 185 21.41 11.08 32.91
CA ASP D 185 22.48 11.87 32.32
C ASP D 185 21.91 13.05 31.55
N ALA D 186 20.60 12.99 31.28
CA ALA D 186 19.88 14.04 30.58
C ALA D 186 18.47 14.10 31.16
N PHE D 187 17.93 15.30 31.29
CA PHE D 187 16.60 15.51 31.84
C PHE D 187 15.91 16.52 30.94
N MET D 188 14.87 16.08 30.23
CA MET D 188 14.15 16.96 29.32
C MET D 188 12.68 17.18 29.70
N VAL D 189 12.34 18.44 29.95
CA VAL D 189 11.01 18.86 30.32
C VAL D 189 10.22 19.22 29.05
N VAL D 190 9.01 18.72 28.94
CA VAL D 190 8.16 19.01 27.79
C VAL D 190 6.75 19.35 28.22
N GLY D 191 6.32 20.57 27.90
CA GLY D 191 4.98 21.01 28.22
C GLY D 191 4.59 21.16 29.68
N SER D 192 5.46 21.77 30.47
CA SER D 192 5.19 21.99 31.89
C SER D 192 5.67 23.37 32.33
N SER D 193 4.87 24.04 33.17
CA SER D 193 5.20 25.36 33.70
C SER D 193 6.20 25.28 34.85
N LEU D 194 6.35 24.08 35.41
CA LEU D 194 7.29 23.87 36.51
C LEU D 194 7.03 24.83 37.68
N VAL D 195 5.78 24.97 38.09
CA VAL D 195 5.45 25.88 39.19
C VAL D 195 5.08 25.13 40.47
N VAL D 196 4.48 23.96 40.33
CA VAL D 196 4.06 23.19 41.49
C VAL D 196 4.88 21.94 41.73
N TYR D 197 5.10 21.60 43.00
CA TYR D 197 5.85 20.40 43.36
C TYR D 197 5.01 19.19 42.98
N PRO D 198 5.66 18.10 42.54
CA PRO D 198 7.11 17.93 42.39
C PRO D 198 7.70 18.47 41.08
N ALA D 199 6.84 18.83 40.13
CA ALA D 199 7.33 19.35 38.85
C ALA D 199 8.36 20.47 39.02
N ALA D 200 8.11 21.37 39.97
CA ALA D 200 9.00 22.50 40.21
C ALA D 200 10.37 22.13 40.76
N GLU D 201 10.47 20.96 41.39
CA GLU D 201 11.74 20.58 41.97
C GLU D 201 12.59 19.56 41.22
N LEU D 202 11.94 18.60 40.55
CA LEU D 202 12.68 17.58 39.82
C LEU D 202 13.81 18.12 38.92
N PRO D 203 13.56 19.23 38.20
CA PRO D 203 14.62 19.77 37.34
C PRO D 203 15.84 20.17 38.17
N TYR D 204 15.58 20.78 39.34
CA TYR D 204 16.66 21.18 40.23
C TYR D 204 17.41 19.98 40.80
N ILE D 205 16.71 18.88 41.03
CA ILE D 205 17.35 17.68 41.56
C ILE D 205 18.27 17.09 40.50
N ALA D 206 17.79 17.05 39.25
CA ALA D 206 18.59 16.52 38.14
C ALA D 206 19.77 17.43 37.91
N LYS D 207 19.52 18.74 37.97
CA LYS D 207 20.58 19.73 37.77
C LYS D 207 21.72 19.51 38.77
N LYS D 208 21.37 19.41 40.06
CA LYS D 208 22.38 19.19 41.09
C LYS D 208 23.14 17.89 40.88
N ALA D 209 22.47 16.87 40.35
CA ALA D 209 23.11 15.57 40.11
C ALA D 209 24.08 15.56 38.93
N GLY D 210 24.06 16.63 38.12
CA GLY D 210 24.99 16.71 37.01
C GLY D 210 24.51 16.30 35.64
N ALA D 211 23.20 16.32 35.42
CA ALA D 211 22.65 15.92 34.13
C ALA D 211 22.50 17.12 33.20
N LYS D 212 22.46 16.86 31.90
CA LYS D 212 22.29 17.93 30.92
C LYS D 212 20.80 18.24 30.92
N MET D 213 20.46 19.52 30.93
CA MET D 213 19.06 19.93 31.00
C MET D 213 18.50 20.52 29.70
N ILE D 214 17.29 20.10 29.36
CA ILE D 214 16.60 20.58 28.16
C ILE D 214 15.16 20.88 28.50
N ILE D 215 14.64 21.97 27.95
CA ILE D 215 13.24 22.31 28.17
C ILE D 215 12.56 22.77 26.88
N VAL D 216 11.42 22.16 26.59
CA VAL D 216 10.62 22.49 25.42
C VAL D 216 9.27 22.95 25.95
N ASN D 217 8.94 24.22 25.73
CA ASN D 217 7.68 24.79 26.19
C ASN D 217 7.21 25.87 25.23
N ALA D 218 5.94 26.25 25.36
CA ALA D 218 5.37 27.29 24.53
C ALA D 218 5.70 28.65 25.15
N GLU D 219 5.89 28.65 26.47
CA GLU D 219 6.19 29.87 27.20
C GLU D 219 7.36 29.63 28.14
N PRO D 220 8.06 30.71 28.54
CA PRO D 220 9.19 30.58 29.45
C PRO D 220 8.73 30.28 30.89
N THR D 221 9.63 29.71 31.67
CA THR D 221 9.32 29.38 33.06
C THR D 221 10.40 30.01 33.94
N MET D 222 10.12 30.13 35.23
CA MET D 222 11.08 30.73 36.17
C MET D 222 12.29 29.84 36.36
N ALA D 223 12.15 28.56 36.02
CA ALA D 223 13.24 27.60 36.14
C ALA D 223 14.15 27.59 34.90
N ASP D 224 13.74 28.33 33.87
CA ASP D 224 14.49 28.40 32.62
C ASP D 224 16.00 28.56 32.74
N PRO D 225 16.48 29.40 33.68
CA PRO D 225 17.92 29.63 33.86
C PRO D 225 18.83 28.42 34.04
N ILE D 226 18.35 27.37 34.68
CA ILE D 226 19.17 26.19 34.91
C ILE D 226 19.31 25.29 33.69
N PHE D 227 18.51 25.55 32.68
CA PHE D 227 18.53 24.73 31.47
C PHE D 227 19.63 25.01 30.44
N ASP D 228 20.28 23.94 30.00
CA ASP D 228 21.36 24.02 29.02
C ASP D 228 20.80 24.38 27.65
N VAL D 229 19.63 23.85 27.31
CA VAL D 229 18.98 24.13 26.04
C VAL D 229 17.52 24.53 26.28
N LYS D 230 17.14 25.68 25.76
CA LYS D 230 15.77 26.19 25.92
C LYS D 230 15.10 26.38 24.57
N ILE D 231 14.04 25.62 24.33
CA ILE D 231 13.31 25.70 23.08
C ILE D 231 11.90 26.20 23.34
N ILE D 232 11.46 27.17 22.54
CA ILE D 232 10.11 27.72 22.68
C ILE D 232 9.31 27.30 21.46
N GLY D 233 8.18 26.62 21.69
CA GLY D 233 7.35 26.18 20.58
C GLY D 233 6.38 25.11 21.04
N LYS D 234 5.64 24.53 20.09
CA LYS D 234 4.68 23.49 20.41
C LYS D 234 5.39 22.14 20.46
N ALA D 235 5.16 21.39 21.53
CA ALA D 235 5.77 20.08 21.69
C ALA D 235 5.47 19.16 20.52
N GLY D 236 4.24 19.23 20.01
CA GLY D 236 3.84 18.39 18.90
C GLY D 236 4.64 18.64 17.65
N GLU D 237 5.22 19.82 17.54
CA GLU D 237 5.99 20.18 16.36
C GLU D 237 7.50 20.14 16.62
N VAL D 238 7.92 20.41 17.86
CA VAL D 238 9.34 20.41 18.18
C VAL D 238 9.95 19.03 18.38
N LEU D 239 9.26 18.15 19.11
CA LEU D 239 9.78 16.82 19.38
C LEU D 239 10.08 15.98 18.16
N PRO D 240 9.16 15.91 17.20
CA PRO D 240 9.50 15.09 16.04
C PRO D 240 10.77 15.60 15.36
N LYS D 241 10.95 16.92 15.33
CA LYS D 241 12.13 17.52 14.71
C LYS D 241 13.40 17.20 15.50
N ILE D 242 13.30 17.13 16.82
CA ILE D 242 14.46 16.79 17.62
C ILE D 242 14.84 15.34 17.34
N VAL D 243 13.84 14.46 17.34
CA VAL D 243 14.06 13.04 17.09
C VAL D 243 14.73 12.80 15.74
N GLU D 244 14.28 13.51 14.72
CA GLU D 244 14.85 13.37 13.38
C GLU D 244 16.34 13.66 13.43
N GLU D 245 16.68 14.85 13.90
CA GLU D 245 18.07 15.28 14.01
C GLU D 245 18.94 14.30 14.81
N VAL D 246 18.33 13.58 15.74
CA VAL D 246 19.08 12.61 16.55
C VAL D 246 19.40 11.38 15.71
N LYS D 247 18.48 11.02 14.81
CA LYS D 247 18.67 9.87 13.93
C LYS D 247 19.76 10.18 12.92
N ARG D 248 19.76 11.43 12.45
CA ARG D 248 20.73 11.90 11.46
C ARG D 248 22.15 11.86 12.04
N LEU D 249 22.27 12.15 13.33
CA LEU D 249 23.57 12.15 13.99
C LEU D 249 24.03 10.75 14.36
N ARG D 250 23.23 9.74 14.03
CA ARG D 250 23.58 8.37 14.32
C ARG D 250 23.89 7.60 13.04
N SER D 251 23.48 8.17 11.91
CA SER D 251 23.73 7.55 10.61
C SER D 251 25.20 7.73 10.26
N GLU D 252 25.78 8.82 10.75
CA GLU D 252 27.19 9.12 10.50
C GLU D 252 28.05 8.64 11.67
N MET E 1 63.60 -14.57 -1.78
CA MET E 1 62.15 -14.83 -1.54
C MET E 1 61.70 -14.29 -0.19
N GLU E 2 62.42 -14.65 0.87
CA GLU E 2 62.09 -14.22 2.22
C GLU E 2 62.08 -12.69 2.38
N ASP E 3 63.09 -12.03 1.85
CA ASP E 3 63.19 -10.57 1.95
C ASP E 3 61.85 -9.87 1.69
N GLU E 4 61.20 -10.23 0.58
CA GLU E 4 59.92 -9.63 0.22
C GLU E 4 58.85 -9.92 1.27
N ILE E 5 58.62 -11.21 1.53
CA ILE E 5 57.62 -11.62 2.52
C ILE E 5 57.96 -11.14 3.93
N ARG E 6 59.24 -11.12 4.27
CA ARG E 6 59.67 -10.67 5.59
C ARG E 6 59.24 -9.22 5.75
N LYS E 7 59.47 -8.44 4.70
CA LYS E 7 59.10 -7.02 4.71
C LYS E 7 57.59 -6.87 4.80
N ALA E 8 56.86 -7.77 4.14
CA ALA E 8 55.40 -7.75 4.15
C ALA E 8 54.83 -8.01 5.54
N ALA E 9 55.45 -8.92 6.28
CA ALA E 9 55.00 -9.26 7.61
C ALA E 9 55.26 -8.10 8.56
N GLU E 10 56.35 -7.39 8.31
CA GLU E 10 56.74 -6.25 9.13
C GLU E 10 55.67 -5.15 9.07
N ILE E 11 55.20 -4.85 7.86
CA ILE E 11 54.18 -3.83 7.67
C ILE E 11 52.85 -4.19 8.32
N LEU E 12 52.33 -5.37 7.97
CA LEU E 12 51.06 -5.83 8.53
C LEU E 12 51.09 -5.90 10.05
N ALA E 13 52.22 -6.32 10.60
CA ALA E 13 52.39 -6.42 12.05
C ALA E 13 52.24 -5.04 12.70
N LYS E 14 52.83 -4.03 12.07
CA LYS E 14 52.76 -2.67 12.56
C LYS E 14 51.46 -1.96 12.15
N SER E 15 50.75 -2.56 11.21
CA SER E 15 49.49 -1.99 10.72
C SER E 15 48.34 -2.04 11.73
N LYS E 16 47.66 -0.92 11.89
CA LYS E 16 46.54 -0.82 12.83
C LYS E 16 45.20 -1.02 12.13
N HIS E 17 45.11 -0.62 10.87
CA HIS E 17 43.88 -0.76 10.11
C HIS E 17 44.20 -1.17 8.67
N ALA E 18 44.35 -2.47 8.46
CA ALA E 18 44.68 -3.00 7.13
C ALA E 18 43.45 -3.49 6.37
N VAL E 19 43.50 -3.33 5.05
CA VAL E 19 42.43 -3.76 4.16
C VAL E 19 42.97 -4.75 3.13
N VAL E 20 42.19 -5.78 2.83
CA VAL E 20 42.61 -6.78 1.86
C VAL E 20 41.70 -6.72 0.63
N PHE E 21 42.33 -6.56 -0.53
CA PHE E 21 41.65 -6.48 -1.82
C PHE E 21 41.98 -7.76 -2.56
N THR E 22 40.99 -8.60 -2.82
CA THR E 22 41.26 -9.87 -3.50
C THR E 22 40.68 -10.05 -4.89
N GLY E 23 41.37 -10.85 -5.69
CA GLY E 23 40.93 -11.16 -7.03
C GLY E 23 40.78 -12.66 -7.14
N ALA E 24 40.40 -13.12 -8.32
CA ALA E 24 40.19 -14.55 -8.59
C ALA E 24 41.38 -15.44 -8.24
N GLY E 25 42.58 -14.87 -8.22
CA GLY E 25 43.77 -15.66 -7.92
C GLY E 25 43.83 -16.28 -6.54
N ILE E 26 43.22 -15.63 -5.55
CA ILE E 26 43.25 -16.14 -4.19
C ILE E 26 42.38 -17.39 -4.04
N SER E 27 41.59 -17.68 -5.07
CA SER E 27 40.71 -18.84 -5.04
C SER E 27 41.17 -19.92 -6.01
N ALA E 28 42.37 -19.73 -6.55
CA ALA E 28 42.95 -20.71 -7.47
C ALA E 28 43.15 -22.02 -6.71
N GLU E 29 43.66 -21.90 -5.49
CA GLU E 29 43.91 -23.04 -4.61
C GLU E 29 42.64 -23.83 -4.31
N SER E 30 41.49 -23.26 -4.59
CA SER E 30 40.23 -23.95 -4.33
C SER E 30 39.68 -24.65 -5.56
N GLY E 31 40.50 -24.72 -6.61
CA GLY E 31 40.08 -25.38 -7.83
C GLY E 31 39.35 -24.47 -8.80
N ILE E 32 39.01 -23.27 -8.34
CA ILE E 32 38.31 -22.30 -9.20
C ILE E 32 39.33 -21.64 -10.12
N PRO E 33 39.05 -21.63 -11.43
CA PRO E 33 39.96 -21.03 -12.41
C PRO E 33 39.95 -19.50 -12.42
N THR E 34 41.09 -18.91 -12.77
CA THR E 34 41.19 -17.46 -12.84
C THR E 34 40.59 -17.01 -14.18
N PHE E 35 40.65 -15.71 -14.45
CA PHE E 35 40.10 -15.18 -15.69
C PHE E 35 41.19 -14.81 -16.69
N ARG E 36 42.26 -14.20 -16.19
CA ARG E 36 43.36 -13.79 -17.04
C ARG E 36 44.67 -14.43 -16.57
N GLY E 37 45.75 -14.19 -17.30
CA GLY E 37 47.02 -14.78 -16.94
C GLY E 37 47.16 -16.19 -17.48
N GLU E 38 47.63 -17.11 -16.63
CA GLU E 38 47.82 -18.50 -17.04
C GLU E 38 46.55 -19.32 -16.88
N ASP E 39 46.18 -20.05 -17.93
CA ASP E 39 44.99 -20.90 -17.91
C ASP E 39 43.71 -20.09 -17.67
N GLY E 40 43.78 -18.78 -17.90
CA GLY E 40 42.63 -17.92 -17.71
C GLY E 40 41.44 -18.29 -18.58
N LEU E 41 40.25 -18.02 -18.07
CA LEU E 41 39.01 -18.31 -18.78
C LEU E 41 38.83 -17.42 -20.00
N TRP E 42 39.26 -16.17 -19.90
CA TRP E 42 39.14 -15.21 -21.00
C TRP E 42 40.07 -15.54 -22.17
N ARG E 43 40.43 -16.81 -22.28
CA ARG E 43 41.29 -17.29 -23.35
C ARG E 43 40.58 -18.50 -23.96
N LYS E 44 39.66 -19.08 -23.20
CA LYS E 44 38.90 -20.24 -23.64
C LYS E 44 37.41 -19.90 -23.76
N TYR E 45 37.09 -18.62 -23.55
CA TYR E 45 35.72 -18.13 -23.63
C TYR E 45 35.72 -16.66 -24.01
N ASP E 46 34.62 -16.20 -24.59
CA ASP E 46 34.51 -14.80 -25.00
C ASP E 46 33.66 -14.04 -23.99
N PRO E 47 34.28 -13.17 -23.18
CA PRO E 47 33.59 -12.38 -22.17
C PRO E 47 32.45 -11.50 -22.70
N GLU E 48 32.60 -11.01 -23.93
CA GLU E 48 31.59 -10.15 -24.53
C GLU E 48 30.28 -10.90 -24.79
N GLU E 49 30.35 -12.23 -24.79
CA GLU E 49 29.17 -13.03 -25.05
C GLU E 49 28.66 -13.75 -23.80
N VAL E 50 29.58 -14.29 -22.99
CA VAL E 50 29.20 -15.01 -21.78
C VAL E 50 29.22 -14.19 -20.49
N ALA E 51 29.86 -13.02 -20.50
CA ALA E 51 29.92 -12.21 -19.28
C ALA E 51 29.70 -10.71 -19.47
N SER E 52 28.87 -10.34 -20.44
CA SER E 52 28.57 -8.93 -20.67
C SER E 52 27.06 -8.75 -20.66
N ILE E 53 26.61 -7.57 -20.25
CA ILE E 53 25.18 -7.30 -20.20
C ILE E 53 24.59 -7.32 -21.61
N SER E 54 25.29 -6.72 -22.57
CA SER E 54 24.82 -6.70 -23.95
C SER E 54 24.69 -8.15 -24.45
N GLY E 55 25.61 -9.00 -24.01
CA GLY E 55 25.58 -10.39 -24.40
C GLY E 55 24.44 -11.15 -23.72
N PHE E 56 24.14 -10.80 -22.48
CA PHE E 56 23.07 -11.46 -21.75
C PHE E 56 21.72 -11.13 -22.39
N LYS E 57 21.50 -9.85 -22.70
CA LYS E 57 20.26 -9.41 -23.32
C LYS E 57 20.12 -10.02 -24.72
N ARG E 58 21.26 -10.29 -25.35
CA ARG E 58 21.30 -10.86 -26.70
C ARG E 58 20.93 -12.35 -26.69
N ASN E 59 21.57 -13.11 -25.81
CA ASN E 59 21.34 -14.54 -25.69
C ASN E 59 21.63 -14.99 -24.26
N PRO E 60 20.61 -14.94 -23.39
CA PRO E 60 20.74 -15.32 -21.99
C PRO E 60 21.21 -16.75 -21.76
N ARG E 61 20.98 -17.63 -22.72
CA ARG E 61 21.39 -19.02 -22.58
C ARG E 61 22.91 -19.16 -22.55
N ALA E 62 23.61 -18.23 -23.19
CA ALA E 62 25.07 -18.28 -23.22
C ALA E 62 25.63 -18.12 -21.81
N PHE E 63 25.21 -17.06 -21.13
CA PHE E 63 25.66 -16.79 -19.77
C PHE E 63 25.36 -17.96 -18.84
N TRP E 64 24.11 -18.41 -18.86
CA TRP E 64 23.70 -19.50 -17.99
C TRP E 64 24.36 -20.85 -18.27
N GLU E 65 24.61 -21.15 -19.53
CA GLU E 65 25.26 -22.42 -19.86
C GLU E 65 26.75 -22.35 -19.54
N PHE E 66 27.33 -21.16 -19.71
CA PHE E 66 28.73 -20.95 -19.39
C PHE E 66 28.84 -21.15 -17.89
N SER E 67 27.86 -20.63 -17.17
CA SER E 67 27.81 -20.74 -15.71
C SER E 67 27.64 -22.20 -15.25
N MET E 68 26.97 -23.00 -16.07
CA MET E 68 26.75 -24.41 -15.74
C MET E 68 28.02 -25.22 -15.98
N GLU E 69 28.85 -24.75 -16.91
CA GLU E 69 30.10 -25.44 -17.21
C GLU E 69 31.06 -25.30 -16.03
N MET E 70 30.89 -24.24 -15.26
CA MET E 70 31.74 -23.98 -14.10
C MET E 70 31.06 -24.39 -12.79
N LYS E 71 30.26 -25.45 -12.84
CA LYS E 71 29.57 -25.93 -11.64
C LYS E 71 30.52 -26.65 -10.68
N ASP E 72 31.32 -25.87 -9.96
CA ASP E 72 32.28 -26.40 -9.00
C ASP E 72 33.21 -25.28 -8.52
N PHE E 75 30.61 -25.97 -5.74
CA PHE E 75 31.03 -26.85 -4.66
C PHE E 75 32.54 -26.69 -4.39
N ALA E 76 32.94 -25.47 -4.04
CA ALA E 76 34.33 -25.16 -3.74
C ALA E 76 34.46 -24.81 -2.26
N GLU E 77 35.65 -24.99 -1.70
CA GLU E 77 35.87 -24.69 -0.29
C GLU E 77 37.09 -23.78 -0.10
N PRO E 78 37.11 -22.99 0.98
CA PRO E 78 38.23 -22.08 1.25
C PRO E 78 39.56 -22.81 1.29
N ASN E 79 40.62 -22.11 0.93
CA ASN E 79 41.96 -22.68 0.96
C ASN E 79 42.75 -21.90 2.02
N PRO E 80 44.01 -22.30 2.27
CA PRO E 80 44.81 -21.59 3.29
C PRO E 80 44.93 -20.08 3.13
N ALA E 81 44.69 -19.58 1.91
CA ALA E 81 44.77 -18.15 1.66
C ALA E 81 43.58 -17.44 2.28
N HIS E 82 42.39 -17.97 2.07
CA HIS E 82 41.17 -17.38 2.62
C HIS E 82 41.24 -17.42 4.14
N TYR E 83 41.78 -18.52 4.67
CA TYR E 83 41.89 -18.68 6.12
C TYR E 83 42.92 -17.73 6.69
N ALA E 84 44.06 -17.61 6.03
CA ALA E 84 45.12 -16.72 6.46
C ALA E 84 44.56 -15.30 6.60
N ILE E 85 43.66 -14.93 5.69
CA ILE E 85 43.05 -13.60 5.72
C ILE E 85 42.10 -13.47 6.90
N ALA E 86 41.39 -14.55 7.22
CA ALA E 86 40.43 -14.54 8.33
C ALA E 86 41.13 -14.51 9.69
N GLU E 87 42.30 -15.13 9.78
CA GLU E 87 43.06 -15.15 11.03
C GLU E 87 43.68 -13.78 11.24
N LEU E 88 44.09 -13.17 10.12
CA LEU E 88 44.70 -11.85 10.13
C LEU E 88 43.65 -10.85 10.59
N GLU E 89 42.38 -11.25 10.51
CA GLU E 89 41.27 -10.41 10.92
C GLU E 89 40.95 -10.64 12.40
N ARG E 90 41.04 -11.90 12.84
CA ARG E 90 40.76 -12.22 14.24
C ARG E 90 41.85 -11.57 15.09
N MET E 91 43.05 -11.53 14.54
CA MET E 91 44.19 -10.94 15.21
C MET E 91 44.09 -9.41 15.31
N GLY E 92 43.03 -8.86 14.72
CA GLY E 92 42.83 -7.42 14.78
C GLY E 92 43.55 -6.59 13.74
N ILE E 93 44.40 -7.22 12.92
CA ILE E 93 45.14 -6.50 11.89
C ILE E 93 44.23 -6.11 10.72
N VAL E 94 43.68 -7.11 10.02
CA VAL E 94 42.79 -6.85 8.89
C VAL E 94 41.42 -6.39 9.38
N LYS E 95 40.98 -5.23 8.90
CA LYS E 95 39.69 -4.66 9.30
C LYS E 95 38.57 -4.93 8.31
N ALA E 96 38.92 -5.22 7.07
CA ALA E 96 37.91 -5.49 6.05
C ALA E 96 38.51 -6.07 4.77
N VAL E 97 37.69 -6.87 4.09
CA VAL E 97 38.11 -7.48 2.84
C VAL E 97 37.21 -7.01 1.69
N ILE E 98 37.85 -6.48 0.66
CA ILE E 98 37.17 -6.02 -0.54
C ILE E 98 37.49 -7.10 -1.57
N THR E 99 36.47 -7.73 -2.12
CA THR E 99 36.70 -8.79 -3.09
C THR E 99 35.93 -8.57 -4.40
N GLN E 100 36.54 -9.04 -5.49
CA GLN E 100 35.94 -8.96 -6.82
C GLN E 100 35.31 -10.32 -7.16
N ASN E 101 35.57 -11.32 -6.31
CA ASN E 101 35.05 -12.67 -6.52
C ASN E 101 33.62 -12.83 -6.06
N ILE E 102 32.96 -13.84 -6.60
CA ILE E 102 31.57 -14.13 -6.25
C ILE E 102 31.47 -15.53 -5.65
N ASP E 103 32.62 -16.13 -5.38
CA ASP E 103 32.67 -17.48 -4.82
C ASP E 103 32.28 -17.54 -3.34
N MET E 104 32.21 -16.38 -2.70
CA MET E 104 31.85 -16.28 -1.29
C MET E 104 32.73 -17.14 -0.38
N LEU E 105 33.93 -17.44 -0.85
CA LEU E 105 34.87 -18.24 -0.07
C LEU E 105 35.43 -17.45 1.11
N HIS E 106 35.35 -16.13 1.05
CA HIS E 106 35.86 -15.30 2.15
C HIS E 106 34.96 -15.42 3.38
N GLN E 107 33.65 -15.51 3.15
CA GLN E 107 32.70 -15.64 4.25
C GLN E 107 32.82 -17.03 4.88
N ARG E 108 32.74 -18.07 4.06
CA ARG E 108 32.85 -19.44 4.55
C ARG E 108 34.13 -19.64 5.34
N ALA E 109 35.16 -18.87 5.03
CA ALA E 109 36.45 -18.98 5.72
C ALA E 109 36.40 -18.31 7.09
N GLY E 110 35.32 -17.57 7.36
CA GLY E 110 35.22 -16.91 8.64
C GLY E 110 35.38 -15.40 8.65
N SER E 111 35.54 -14.77 7.49
CA SER E 111 35.71 -13.32 7.40
C SER E 111 34.36 -12.63 7.64
N ARG E 112 34.35 -11.61 8.47
CA ARG E 112 33.14 -10.87 8.81
C ARG E 112 32.96 -9.59 7.96
N ARG E 113 34.05 -8.92 7.65
CA ARG E 113 33.99 -7.69 6.85
C ARG E 113 34.32 -8.00 5.40
N VAL E 114 33.29 -8.38 4.64
CA VAL E 114 33.48 -8.70 3.23
C VAL E 114 32.60 -7.85 2.30
N LEU E 115 33.26 -7.05 1.47
CA LEU E 115 32.57 -6.19 0.51
C LEU E 115 32.67 -6.79 -0.88
N GLU E 116 31.55 -7.30 -1.38
CA GLU E 116 31.50 -7.91 -2.70
C GLU E 116 31.33 -6.87 -3.79
N LEU E 117 32.44 -6.23 -4.14
CA LEU E 117 32.47 -5.18 -5.14
C LEU E 117 31.79 -5.56 -6.45
N HIS E 118 31.86 -6.83 -6.83
CA HIS E 118 31.23 -7.27 -8.06
C HIS E 118 29.95 -8.10 -7.84
N GLY E 119 29.29 -7.86 -6.72
CA GLY E 119 28.05 -8.56 -6.41
C GLY E 119 28.16 -10.06 -6.20
N SER E 120 27.01 -10.75 -6.24
CA SER E 120 26.98 -12.21 -6.06
C SER E 120 25.75 -12.83 -6.71
N MET E 121 25.75 -14.16 -6.83
CA MET E 121 24.64 -14.89 -7.42
C MET E 121 23.52 -15.10 -6.39
N ASP E 122 23.74 -14.60 -5.18
CA ASP E 122 22.78 -14.71 -4.10
C ASP E 122 21.35 -14.31 -4.50
N LYS E 123 21.22 -13.20 -5.22
CA LYS E 123 19.91 -12.72 -5.65
C LYS E 123 19.87 -12.49 -7.15
N LEU E 124 18.65 -12.49 -7.71
CA LEU E 124 18.47 -12.28 -9.13
C LEU E 124 17.30 -11.35 -9.41
N ASP E 125 17.27 -10.78 -10.62
CA ASP E 125 16.20 -9.88 -11.02
C ASP E 125 15.75 -10.19 -12.44
N CYS E 126 14.45 -10.22 -12.66
CA CYS E 126 13.93 -10.47 -13.99
C CYS E 126 13.98 -9.10 -14.69
N LEU E 127 14.67 -9.04 -15.83
CA LEU E 127 14.79 -7.78 -16.56
C LEU E 127 13.49 -7.36 -17.22
N ASP E 128 12.52 -8.28 -17.26
CA ASP E 128 11.24 -7.97 -17.88
C ASP E 128 10.20 -7.44 -16.90
N CYS E 129 9.89 -8.20 -15.86
CA CYS E 129 8.88 -7.74 -14.90
C CYS E 129 9.42 -7.17 -13.59
N HIS E 130 10.74 -7.16 -13.46
CA HIS E 130 11.42 -6.63 -12.27
C HIS E 130 11.28 -7.49 -11.01
N GLU E 131 10.70 -8.68 -11.13
CA GLU E 131 10.56 -9.53 -9.97
C GLU E 131 11.95 -9.91 -9.45
N THR E 132 12.07 -10.09 -8.13
CA THR E 132 13.35 -10.43 -7.52
C THR E 132 13.32 -11.84 -6.89
N TYR E 133 14.43 -12.56 -6.97
CA TYR E 133 14.51 -13.90 -6.42
C TYR E 133 15.81 -14.20 -5.68
N ASP E 134 15.78 -15.24 -4.84
CA ASP E 134 16.95 -15.69 -4.11
C ASP E 134 17.46 -16.87 -4.92
N TRP E 135 18.78 -17.08 -4.92
CA TRP E 135 19.34 -18.17 -5.70
C TRP E 135 18.67 -19.51 -5.40
N SER E 136 18.20 -19.67 -4.17
CA SER E 136 17.56 -20.91 -3.76
C SER E 136 16.39 -21.31 -4.64
N GLU E 137 15.69 -20.32 -5.19
CA GLU E 137 14.53 -20.56 -6.04
C GLU E 137 14.86 -21.20 -7.40
N PHE E 138 16.11 -21.13 -7.83
CA PHE E 138 16.49 -21.70 -9.12
C PHE E 138 17.58 -22.76 -8.96
N VAL E 139 18.19 -22.80 -7.77
CA VAL E 139 19.27 -23.73 -7.48
C VAL E 139 19.01 -25.19 -7.89
N GLU E 140 17.75 -25.61 -7.90
CA GLU E 140 17.44 -27.00 -8.26
C GLU E 140 17.27 -27.22 -9.76
N ASP E 141 16.71 -26.25 -10.46
CA ASP E 141 16.54 -26.39 -11.90
C ASP E 141 17.88 -26.19 -12.58
N PHE E 142 18.73 -25.35 -11.98
CA PHE E 142 20.05 -25.07 -12.53
C PHE E 142 20.91 -26.32 -12.56
N ASN E 143 20.94 -27.04 -11.45
CA ASN E 143 21.72 -28.28 -11.35
C ASN E 143 21.22 -29.34 -12.31
N LYS E 144 19.95 -29.24 -12.70
CA LYS E 144 19.35 -30.18 -13.63
C LYS E 144 19.56 -29.72 -15.08
N GLY E 145 20.32 -28.65 -15.26
CA GLY E 145 20.59 -28.14 -16.59
C GLY E 145 19.57 -27.17 -17.18
N GLU E 146 18.55 -26.81 -16.39
CA GLU E 146 17.53 -25.89 -16.87
C GLU E 146 17.88 -24.45 -16.48
N ILE E 147 17.98 -23.57 -17.48
CA ILE E 147 18.32 -22.18 -17.21
C ILE E 147 17.15 -21.49 -16.52
N PRO E 148 17.44 -20.64 -15.52
CA PRO E 148 16.37 -19.94 -14.81
C PRO E 148 15.42 -19.15 -15.70
N ARG E 149 14.13 -19.22 -15.37
CA ARG E 149 13.08 -18.54 -16.11
C ARG E 149 12.16 -17.92 -15.07
N CYS E 150 11.81 -16.65 -15.25
CA CYS E 150 10.93 -15.98 -14.29
C CYS E 150 9.63 -16.76 -14.10
N ARG E 151 9.28 -17.04 -12.85
CA ARG E 151 8.05 -17.80 -12.57
C ARG E 151 6.84 -16.88 -12.54
N LYS E 152 7.07 -15.59 -12.74
CA LYS E 152 5.99 -14.61 -12.76
C LYS E 152 5.58 -14.18 -14.18
N CYS E 153 6.56 -13.93 -15.05
CA CYS E 153 6.24 -13.50 -16.41
C CYS E 153 6.75 -14.45 -17.50
N GLY E 154 7.47 -15.49 -17.11
CA GLY E 154 8.00 -16.44 -18.08
C GLY E 154 9.19 -15.97 -18.89
N SER E 155 9.78 -14.85 -18.50
CA SER E 155 10.93 -14.29 -19.20
C SER E 155 12.19 -15.12 -18.99
N TYR E 156 13.04 -15.15 -20.01
CA TYR E 156 14.31 -15.85 -19.90
C TYR E 156 15.43 -14.88 -19.56
N TYR E 157 15.06 -13.70 -19.06
CA TYR E 157 16.07 -12.70 -18.70
C TYR E 157 16.15 -12.50 -17.19
N VAL E 158 16.52 -13.57 -16.49
CA VAL E 158 16.67 -13.52 -15.05
C VAL E 158 18.17 -13.30 -14.85
N LYS E 159 18.54 -12.11 -14.42
CA LYS E 159 19.95 -11.81 -14.24
C LYS E 159 20.39 -11.81 -12.79
N PRO E 160 21.43 -12.59 -12.49
CA PRO E 160 21.92 -12.63 -11.10
C PRO E 160 22.56 -11.27 -10.82
N ARG E 161 22.55 -10.86 -9.56
CA ARG E 161 23.13 -9.57 -9.18
C ARG E 161 24.66 -9.54 -9.19
N VAL E 162 25.25 -9.97 -10.30
CA VAL E 162 26.70 -9.95 -10.42
C VAL E 162 27.01 -8.90 -11.48
N VAL E 163 28.12 -8.18 -11.30
CA VAL E 163 28.51 -7.14 -12.25
C VAL E 163 29.10 -7.74 -13.51
N LEU E 164 28.39 -7.59 -14.63
CA LEU E 164 28.89 -8.09 -15.90
C LEU E 164 29.48 -6.88 -16.62
N PHE E 165 30.20 -7.11 -17.72
CA PHE E 165 30.78 -6.01 -18.47
C PHE E 165 29.67 -5.09 -18.98
N GLY E 166 29.92 -3.78 -18.93
CA GLY E 166 28.94 -2.81 -19.38
C GLY E 166 27.97 -2.42 -18.28
N GLU E 167 28.21 -2.92 -17.07
CA GLU E 167 27.34 -2.64 -15.95
C GLU E 167 28.05 -1.91 -14.81
N PRO E 168 27.32 -1.04 -14.10
CA PRO E 168 27.91 -0.30 -12.98
C PRO E 168 28.00 -1.23 -11.76
N LEU E 169 28.88 -0.89 -10.83
CA LEU E 169 29.04 -1.68 -9.62
C LEU E 169 27.98 -1.26 -8.63
N PRO E 170 27.60 -2.16 -7.71
CA PRO E 170 26.60 -1.81 -6.71
C PRO E 170 27.06 -0.57 -5.95
N GLN E 171 26.26 0.49 -5.99
CA GLN E 171 26.58 1.77 -5.38
C GLN E 171 26.96 1.77 -3.90
N ARG E 172 26.13 1.15 -3.08
CA ARG E 172 26.38 1.12 -1.64
C ARG E 172 27.72 0.44 -1.31
N THR E 173 28.00 -0.65 -2.01
CA THR E 173 29.23 -1.41 -1.80
C THR E 173 30.48 -0.66 -2.27
N LEU E 174 30.38 0.00 -3.42
CA LEU E 174 31.51 0.76 -3.94
C LEU E 174 31.83 1.86 -2.93
N PHE E 175 30.78 2.43 -2.36
CA PHE E 175 30.93 3.49 -1.37
C PHE E 175 31.70 3.01 -0.14
N GLU E 176 31.28 1.87 0.40
CA GLU E 176 31.93 1.30 1.58
C GLU E 176 33.40 0.99 1.30
N ALA E 177 33.66 0.45 0.11
CA ALA E 177 35.01 0.08 -0.30
C ALA E 177 35.96 1.27 -0.39
N ILE E 178 35.48 2.36 -0.97
CA ILE E 178 36.30 3.55 -1.11
C ILE E 178 36.63 4.13 0.26
N GLU E 179 35.65 4.16 1.14
CA GLU E 179 35.86 4.67 2.49
C GLU E 179 36.99 3.89 3.15
N GLU E 180 36.98 2.58 2.97
CA GLU E 180 37.99 1.70 3.55
C GLU E 180 39.37 1.94 2.95
N ALA E 181 39.41 2.15 1.63
CA ALA E 181 40.69 2.40 0.96
C ALA E 181 41.31 3.71 1.44
N LYS E 182 40.46 4.60 1.96
CA LYS E 182 40.92 5.90 2.44
C LYS E 182 41.37 5.81 3.89
N HIS E 183 40.55 5.17 4.72
CA HIS E 183 40.82 5.03 6.14
C HIS E 183 41.64 3.79 6.47
N CYS E 184 42.74 3.59 5.74
CA CYS E 184 43.59 2.43 5.99
C CYS E 184 45.07 2.79 5.90
N ASP E 185 45.90 2.10 6.70
CA ASP E 185 47.34 2.35 6.70
C ASP E 185 48.09 1.23 6.00
N ALA E 186 47.36 0.15 5.71
CA ALA E 186 47.93 -1.01 5.03
C ALA E 186 46.88 -1.57 4.06
N PHE E 187 47.27 -1.69 2.80
CA PHE E 187 46.39 -2.19 1.76
C PHE E 187 47.11 -3.33 1.05
N MET E 188 46.54 -4.53 1.13
CA MET E 188 47.16 -5.67 0.46
C MET E 188 46.26 -6.25 -0.61
N VAL E 189 46.84 -6.43 -1.79
CA VAL E 189 46.16 -6.98 -2.96
C VAL E 189 46.60 -8.42 -3.13
N VAL E 190 45.65 -9.32 -3.32
CA VAL E 190 45.98 -10.73 -3.50
C VAL E 190 45.28 -11.39 -4.68
N GLY E 191 46.06 -11.99 -5.55
CA GLY E 191 45.52 -12.67 -6.71
C GLY E 191 44.66 -11.81 -7.60
N SER E 192 45.16 -10.62 -7.96
CA SER E 192 44.43 -9.71 -8.82
C SER E 192 45.28 -9.14 -9.94
N SER E 193 44.80 -9.30 -11.17
CA SER E 193 45.50 -8.80 -12.36
C SER E 193 45.48 -7.26 -12.37
N LEU E 194 44.51 -6.68 -11.68
CA LEU E 194 44.37 -5.22 -11.60
C LEU E 194 44.22 -4.56 -12.98
N VAL E 195 43.35 -5.10 -13.81
CA VAL E 195 43.11 -4.55 -15.14
C VAL E 195 41.67 -4.06 -15.28
N VAL E 196 40.75 -4.65 -14.51
CA VAL E 196 39.35 -4.23 -14.57
C VAL E 196 39.06 -3.05 -13.64
N TYR E 197 38.58 -1.96 -14.23
CA TYR E 197 38.23 -0.76 -13.49
C TYR E 197 36.72 -0.69 -13.38
N PRO E 198 36.18 0.08 -12.42
CA PRO E 198 36.89 0.92 -11.44
C PRO E 198 37.44 0.20 -10.19
N ALA E 199 37.27 -1.11 -10.10
CA ALA E 199 37.78 -1.83 -8.93
C ALA E 199 39.29 -1.65 -8.75
N ALA E 200 40.03 -1.69 -9.85
CA ALA E 200 41.49 -1.54 -9.80
C ALA E 200 41.93 -0.18 -9.30
N GLU E 201 40.99 0.75 -9.19
CA GLU E 201 41.26 2.10 -8.72
C GLU E 201 41.44 2.17 -7.20
N LEU E 202 40.88 1.22 -6.47
CA LEU E 202 40.99 1.21 -5.02
C LEU E 202 42.44 1.19 -4.52
N PRO E 203 43.31 0.39 -5.15
CA PRO E 203 44.71 0.34 -4.72
C PRO E 203 45.36 1.72 -4.83
N TYR E 204 45.04 2.46 -5.88
CA TYR E 204 45.58 3.80 -6.07
C TYR E 204 44.97 4.78 -5.08
N ILE E 205 43.68 4.60 -4.77
CA ILE E 205 43.01 5.48 -3.83
C ILE E 205 43.60 5.33 -2.43
N ALA E 206 44.06 4.12 -2.10
CA ALA E 206 44.65 3.86 -0.80
C ALA E 206 46.12 4.28 -0.83
N LYS E 207 46.75 4.13 -1.99
CA LYS E 207 48.16 4.50 -2.15
C LYS E 207 48.30 6.02 -1.99
N LYS E 208 47.45 6.76 -2.70
CA LYS E 208 47.47 8.22 -2.66
C LYS E 208 47.06 8.73 -1.28
N ALA E 209 46.42 7.88 -0.48
CA ALA E 209 45.99 8.27 0.86
C ALA E 209 47.09 8.00 1.90
N GLY E 210 48.21 7.47 1.42
CA GLY E 210 49.34 7.20 2.31
C GLY E 210 49.51 5.82 2.92
N ALA E 211 48.73 4.84 2.50
CA ALA E 211 48.83 3.49 3.04
C ALA E 211 49.93 2.64 2.38
N LYS E 212 50.57 1.78 3.16
CA LYS E 212 51.61 0.91 2.62
C LYS E 212 50.97 -0.05 1.63
N MET E 213 51.69 -0.37 0.56
CA MET E 213 51.15 -1.25 -0.47
C MET E 213 51.88 -2.58 -0.58
N ILE E 214 51.11 -3.66 -0.51
CA ILE E 214 51.67 -5.01 -0.63
C ILE E 214 50.82 -5.78 -1.65
N ILE E 215 51.49 -6.48 -2.56
CA ILE E 215 50.77 -7.25 -3.56
C ILE E 215 51.33 -8.67 -3.73
N VAL E 216 50.47 -9.66 -3.49
CA VAL E 216 50.83 -11.06 -3.61
C VAL E 216 50.11 -11.62 -4.83
N ASN E 217 50.86 -11.87 -5.90
CA ASN E 217 50.28 -12.41 -7.13
C ASN E 217 51.23 -13.39 -7.80
N ALA E 218 50.66 -14.38 -8.49
CA ALA E 218 51.46 -15.41 -9.17
C ALA E 218 52.29 -14.86 -10.32
N GLU E 219 52.18 -13.56 -10.57
CA GLU E 219 52.94 -12.92 -11.64
C GLU E 219 52.88 -11.40 -11.50
N PRO E 220 53.85 -10.70 -12.11
CA PRO E 220 53.88 -9.23 -12.03
C PRO E 220 52.72 -8.56 -12.76
N THR E 221 52.10 -7.57 -12.11
CA THR E 221 51.01 -6.84 -12.73
C THR E 221 51.54 -5.51 -13.22
N MET E 222 50.90 -4.97 -14.27
CA MET E 222 51.32 -3.70 -14.84
C MET E 222 51.07 -2.51 -13.92
N ALA E 223 50.87 -2.79 -12.64
CA ALA E 223 50.63 -1.74 -11.65
C ALA E 223 51.52 -1.95 -10.42
N ASP E 224 52.50 -2.83 -10.56
CA ASP E 224 53.44 -3.14 -9.48
C ASP E 224 54.10 -1.91 -8.86
N PRO E 225 54.63 -0.99 -9.68
CA PRO E 225 55.31 0.22 -9.20
C PRO E 225 54.68 0.92 -8.00
N ILE E 226 53.36 1.00 -7.97
CA ILE E 226 52.65 1.65 -6.87
C ILE E 226 52.83 0.94 -5.53
N PHE E 227 53.30 -0.30 -5.56
CA PHE E 227 53.50 -1.08 -4.35
C PHE E 227 54.87 -0.98 -3.70
N ASP E 228 54.89 -0.95 -2.37
CA ASP E 228 56.12 -0.87 -1.60
C ASP E 228 56.88 -2.18 -1.63
N VAL E 229 56.16 -3.27 -1.91
CA VAL E 229 56.77 -4.59 -1.96
C VAL E 229 55.83 -5.62 -2.58
N LYS E 230 56.31 -6.31 -3.60
CA LYS E 230 55.51 -7.33 -4.27
C LYS E 230 56.09 -8.72 -4.07
N ILE E 231 55.22 -9.68 -3.81
CA ILE E 231 55.62 -11.07 -3.62
C ILE E 231 55.06 -11.89 -4.78
N ILE E 232 55.95 -12.44 -5.59
CA ILE E 232 55.52 -13.24 -6.72
C ILE E 232 55.44 -14.71 -6.34
N GLY E 233 54.22 -15.18 -6.08
CA GLY E 233 54.01 -16.57 -5.70
C GLY E 233 52.54 -16.89 -5.59
N LYS E 234 52.24 -18.07 -5.03
CA LYS E 234 50.86 -18.51 -4.85
C LYS E 234 50.34 -18.06 -3.48
N ALA E 235 49.13 -17.49 -3.49
CA ALA E 235 48.49 -16.99 -2.27
C ALA E 235 48.31 -18.05 -1.19
N GLY E 236 48.01 -19.28 -1.60
CA GLY E 236 47.81 -20.34 -0.63
C GLY E 236 49.07 -20.69 0.15
N GLU E 237 50.22 -20.35 -0.41
CA GLU E 237 51.50 -20.64 0.23
C GLU E 237 52.14 -19.42 0.88
N VAL E 238 52.00 -18.26 0.24
CA VAL E 238 52.59 -17.03 0.76
C VAL E 238 51.85 -16.43 1.94
N LEU E 239 50.52 -16.33 1.84
CA LEU E 239 49.71 -15.76 2.92
C LEU E 239 49.87 -16.43 4.27
N PRO E 240 49.84 -17.77 4.31
CA PRO E 240 49.99 -18.47 5.60
C PRO E 240 51.31 -18.16 6.28
N LYS E 241 52.37 -18.04 5.48
CA LYS E 241 53.70 -17.73 6.00
C LYS E 241 53.75 -16.29 6.50
N ILE E 242 52.97 -15.42 5.88
CA ILE E 242 52.93 -14.02 6.28
C ILE E 242 52.32 -13.92 7.67
N VAL E 243 51.34 -14.78 7.96
CA VAL E 243 50.68 -14.79 9.25
C VAL E 243 51.59 -15.22 10.39
N GLU E 244 52.18 -16.41 10.28
CA GLU E 244 53.06 -16.90 11.34
C GLU E 244 54.18 -15.91 11.61
N GLU E 245 54.75 -15.36 10.55
CA GLU E 245 55.84 -14.40 10.68
C GLU E 245 55.37 -13.15 11.42
N VAL E 246 54.06 -12.94 11.44
CA VAL E 246 53.48 -11.79 12.14
C VAL E 246 53.27 -12.18 13.60
N LYS E 247 53.15 -13.47 13.86
CA LYS E 247 52.98 -13.97 15.21
C LYS E 247 54.33 -14.05 15.90
N ARG E 248 55.39 -14.10 15.10
CA ARG E 248 56.76 -14.16 15.62
C ARG E 248 57.12 -12.77 16.11
N LEU E 249 56.91 -11.77 15.25
CA LEU E 249 57.19 -10.38 15.60
C LEU E 249 56.24 -9.91 16.70
N ARG E 250 54.95 -9.89 16.38
CA ARG E 250 53.94 -9.46 17.36
C ARG E 250 54.10 -10.23 18.68
#